data_4EIQ
#
_entry.id   4EIQ
#
_cell.length_a   63.184
_cell.length_b   77.703
_cell.length_c   123.145
_cell.angle_alpha   90.000
_cell.angle_beta   98.780
_cell.angle_gamma   90.000
#
_symmetry.space_group_name_H-M   'P 1 21 1'
#
loop_
_entity.id
_entity.type
_entity.pdbx_description
1 polymer 'Putative FAD-monooxygenase'
2 non-polymer '(5S)-7-oxo-6,7,12,13-tetrahydro-5H-indolo[2,3-a]pyrrolo[3,4-c]carbazole-5-carboxylic acid'
3 water water
#
_entity_poly.entity_id   1
_entity_poly.type   'polypeptide(L)'
_entity_poly.pdbx_seq_one_letter_code
;MGSSHHHHHHSSGLVPRGSHMNAPIETDVLILGGGPVGMALALDLAHRQVGHLVVDAGDGTITHPKVSTIGPRSMELFRR
WGVAKQIRTAGWPGDHPLDAAWVTRVGGHEVYRIPLGTADTRATPEHTPEPDAICPAHWLAPLLAEAVGERLRTRSRLDS
FEQRDDHVRATITDLRTGATRAVHARYLVACDGASSPTRKALGIDAPPRHRTQVFRNILFRAPELRSLLGERAALVFFLM
LSSSLRFPLRSLDGRGLYNLVVGVDDASKSTMDSFELVRRAVAFDTEIEVLSDSEWHLTHRVADSFSAGRVFLTGDAAHT
LSPSGGFGMNTGIGSAADLGWKLAATLRGWAGPGLLATYEEERRPVAITSLEEANVNLRRTMDRELPPGLHDDGPRGERI
RAAVAEKLERSGARREFDAPGIHFGHTYRSSIVCGEPETEVATGGWRPSARPGARAPHAWLTPTTSTLDLFGRGFVLLSF
GTTDGVEAVTRAFADRHVPLETVTCHAPEIHALYERAHVLVRPDGHVAWRGDHLPAELGGLVDKVRGAA
;
_entity_poly.pdbx_strand_id   A,B
#
# COMPACT_ATOMS: atom_id res chain seq x y z
N ASN A 22 20.63 -51.89 -7.47
CA ASN A 22 21.99 -52.46 -7.32
C ASN A 22 23.04 -51.36 -7.34
N ALA A 23 23.26 -50.78 -8.52
CA ALA A 23 24.24 -49.70 -8.70
C ALA A 23 23.56 -48.38 -9.08
N PRO A 24 24.28 -47.25 -8.92
CA PRO A 24 23.73 -45.93 -9.25
C PRO A 24 23.36 -45.73 -10.71
N ILE A 25 22.37 -44.86 -10.93
CA ILE A 25 21.92 -44.51 -12.27
C ILE A 25 22.85 -43.39 -12.73
N GLU A 26 23.11 -43.31 -14.03
CA GLU A 26 24.01 -42.27 -14.52
C GLU A 26 23.45 -41.39 -15.60
N THR A 27 23.33 -40.10 -15.31
CA THR A 27 22.83 -39.15 -16.28
C THR A 27 23.53 -37.83 -16.05
N ASP A 28 23.60 -36.98 -17.06
CA ASP A 28 24.26 -35.70 -16.93
C ASP A 28 23.43 -34.68 -16.15
N VAL A 29 22.13 -34.63 -16.42
CA VAL A 29 21.27 -33.65 -15.77
C VAL A 29 20.03 -34.29 -15.18
N LEU A 30 19.86 -34.13 -13.87
CA LEU A 30 18.72 -34.68 -13.16
C LEU A 30 17.72 -33.56 -12.94
N ILE A 31 16.56 -33.64 -13.58
CA ILE A 31 15.57 -32.59 -13.41
C ILE A 31 14.56 -32.93 -12.33
N LEU A 32 14.46 -32.05 -11.36
CA LEU A 32 13.53 -32.25 -10.25
C LEU A 32 12.28 -31.38 -10.50
N GLY A 33 11.14 -32.02 -10.77
CA GLY A 33 9.94 -31.26 -11.03
C GLY A 33 9.45 -31.47 -12.45
N GLY A 34 8.34 -32.19 -12.57
CA GLY A 34 7.78 -32.49 -13.88
C GLY A 34 6.71 -31.55 -14.39
N GLY A 35 6.82 -30.27 -14.06
CA GLY A 35 5.84 -29.31 -14.54
C GLY A 35 6.29 -28.78 -15.89
N PRO A 36 5.56 -27.83 -16.47
CA PRO A 36 5.95 -27.28 -17.77
C PRO A 36 7.46 -26.96 -17.88
N VAL A 37 8.01 -26.24 -16.91
CA VAL A 37 9.42 -25.88 -16.97
C VAL A 37 10.37 -27.07 -16.96
N GLY A 38 10.14 -28.03 -16.07
CA GLY A 38 10.99 -29.20 -16.02
C GLY A 38 10.97 -29.91 -17.36
N MET A 39 9.79 -30.01 -17.96
CA MET A 39 9.62 -30.65 -19.25
C MET A 39 10.33 -29.90 -20.37
N ALA A 40 10.25 -28.57 -20.31
CA ALA A 40 10.89 -27.72 -21.30
C ALA A 40 12.39 -27.99 -21.27
N LEU A 41 12.99 -27.90 -20.10
CA LEU A 41 14.41 -28.16 -19.96
C LEU A 41 14.71 -29.54 -20.56
N ALA A 42 13.83 -30.50 -20.30
CA ALA A 42 13.97 -31.86 -20.80
C ALA A 42 13.92 -31.91 -22.32
N LEU A 43 12.95 -31.21 -22.91
CA LEU A 43 12.83 -31.18 -24.36
C LEU A 43 14.05 -30.52 -25.01
N ASP A 44 14.52 -29.38 -24.47
CA ASP A 44 15.66 -28.71 -25.07
C ASP A 44 16.92 -29.52 -24.90
N LEU A 45 17.11 -30.10 -23.72
CA LEU A 45 18.29 -30.91 -23.47
C LEU A 45 18.25 -32.09 -24.42
N ALA A 46 17.05 -32.64 -24.61
CA ALA A 46 16.90 -33.77 -25.52
C ALA A 46 17.38 -33.38 -26.92
N HIS A 47 17.02 -32.18 -27.35
CA HIS A 47 17.42 -31.69 -28.66
C HIS A 47 18.88 -31.27 -28.75
N ARG A 48 19.58 -31.29 -27.63
CA ARG A 48 20.98 -30.94 -27.61
C ARG A 48 21.76 -32.23 -27.35
N GLN A 49 21.02 -33.32 -27.34
CA GLN A 49 21.58 -34.65 -27.13
C GLN A 49 22.26 -34.80 -25.77
N VAL A 50 21.65 -34.26 -24.72
CA VAL A 50 22.19 -34.37 -23.37
C VAL A 50 21.32 -35.33 -22.57
N GLY A 51 21.94 -36.37 -22.02
CA GLY A 51 21.20 -37.34 -21.25
C GLY A 51 20.67 -36.74 -19.96
N HIS A 52 19.37 -36.90 -19.75
CA HIS A 52 18.71 -36.35 -18.56
C HIS A 52 17.72 -37.37 -18.03
N LEU A 53 17.07 -37.00 -16.94
CA LEU A 53 16.10 -37.85 -16.30
C LEU A 53 15.22 -36.95 -15.45
N VAL A 54 13.91 -37.06 -15.60
CA VAL A 54 12.98 -36.22 -14.86
C VAL A 54 12.21 -37.01 -13.80
N VAL A 55 12.26 -36.53 -12.56
CA VAL A 55 11.54 -37.19 -11.48
C VAL A 55 10.51 -36.24 -10.91
N ASP A 56 9.24 -36.67 -10.97
CA ASP A 56 8.13 -35.87 -10.45
C ASP A 56 7.40 -36.74 -9.43
N ALA A 57 7.36 -36.29 -8.18
CA ALA A 57 6.71 -37.06 -7.13
C ALA A 57 5.33 -37.54 -7.58
N GLY A 58 4.77 -36.86 -8.57
CA GLY A 58 3.46 -37.22 -9.08
C GLY A 58 2.36 -36.74 -8.16
N ASP A 59 2.75 -36.38 -6.94
CA ASP A 59 1.82 -35.90 -5.94
C ASP A 59 1.82 -34.37 -5.86
N ILE A 62 0.85 -28.81 -5.62
CA ILE A 62 1.15 -27.55 -6.29
C ILE A 62 -0.04 -26.57 -6.30
N THR A 63 -0.32 -25.97 -5.14
CA THR A 63 -1.43 -25.01 -5.03
C THR A 63 -1.02 -23.69 -5.67
N HIS A 64 -1.30 -23.55 -6.96
CA HIS A 64 -0.93 -22.33 -7.67
C HIS A 64 -1.99 -21.84 -8.66
N PRO A 65 -1.85 -20.59 -9.15
CA PRO A 65 -2.84 -20.06 -10.10
C PRO A 65 -3.08 -21.13 -11.16
N LYS A 66 -4.06 -20.87 -12.04
CA LYS A 66 -4.43 -21.83 -13.07
C LYS A 66 -3.60 -21.88 -14.38
N VAL A 67 -3.26 -20.75 -14.95
CA VAL A 67 -2.27 -20.74 -16.03
C VAL A 67 -2.50 -21.45 -17.38
N SER A 68 -3.42 -20.98 -18.19
CA SER A 68 -3.60 -21.59 -19.50
C SER A 68 -2.92 -21.03 -20.73
N THR A 69 -2.48 -19.78 -20.65
CA THR A 69 -1.86 -19.15 -21.81
C THR A 69 -0.36 -19.40 -21.94
N ILE A 70 0.07 -19.60 -23.18
CA ILE A 70 1.47 -19.82 -23.52
C ILE A 70 1.91 -18.72 -24.48
N GLY A 71 2.68 -17.78 -23.96
CA GLY A 71 3.15 -16.66 -24.77
C GLY A 71 3.78 -17.01 -26.10
N PRO A 72 3.77 -16.06 -27.05
CA PRO A 72 4.35 -16.30 -28.38
C PRO A 72 5.85 -16.65 -28.34
N ARG A 73 6.55 -16.28 -27.29
CA ARG A 73 7.97 -16.61 -27.21
C ARG A 73 8.15 -18.05 -26.80
N SER A 74 7.26 -18.54 -25.94
CA SER A 74 7.30 -19.91 -25.48
C SER A 74 6.82 -20.80 -26.59
N MET A 75 5.92 -20.28 -27.43
CA MET A 75 5.42 -21.07 -28.56
C MET A 75 6.52 -21.19 -29.60
N GLU A 76 7.46 -20.26 -29.61
CA GLU A 76 8.54 -20.33 -30.57
C GLU A 76 9.52 -21.42 -30.09
N LEU A 77 9.71 -21.49 -28.79
CA LEU A 77 10.59 -22.51 -28.22
C LEU A 77 10.01 -23.90 -28.47
N PHE A 78 8.70 -24.05 -28.34
CA PHE A 78 8.05 -25.34 -28.58
C PHE A 78 8.07 -25.68 -30.07
N ARG A 79 8.22 -24.65 -30.90
CA ARG A 79 8.27 -24.86 -32.34
C ARG A 79 9.63 -25.53 -32.61
N ARG A 80 10.67 -25.03 -31.93
CA ARG A 80 12.02 -25.59 -32.05
C ARG A 80 11.97 -27.08 -31.73
N TRP A 81 11.28 -27.39 -30.63
CA TRP A 81 11.17 -28.74 -30.09
C TRP A 81 10.12 -29.63 -30.73
N GLY A 82 9.49 -29.14 -31.79
CA GLY A 82 8.49 -29.93 -32.48
C GLY A 82 7.23 -30.32 -31.73
N VAL A 83 6.72 -29.45 -30.88
CA VAL A 83 5.52 -29.76 -30.14
C VAL A 83 4.48 -28.66 -30.23
N ALA A 84 4.84 -27.58 -30.91
CA ALA A 84 3.93 -26.45 -31.06
C ALA A 84 2.59 -26.87 -31.65
N LYS A 85 2.62 -27.67 -32.71
CA LYS A 85 1.39 -28.13 -33.36
C LYS A 85 0.53 -28.94 -32.40
N GLN A 86 1.15 -29.85 -31.67
CA GLN A 86 0.40 -30.67 -30.72
C GLN A 86 -0.29 -29.78 -29.70
N ILE A 87 0.34 -28.66 -29.33
CA ILE A 87 -0.27 -27.77 -28.35
C ILE A 87 -1.47 -27.01 -28.93
N ARG A 88 -1.40 -26.66 -30.20
CA ARG A 88 -2.47 -25.92 -30.83
C ARG A 88 -3.68 -26.80 -31.13
N THR A 89 -3.44 -28.08 -31.32
CA THR A 89 -4.51 -29.01 -31.64
C THR A 89 -4.88 -29.82 -30.43
N ALA A 90 -4.31 -29.47 -29.27
CA ALA A 90 -4.55 -30.18 -28.03
C ALA A 90 -6.02 -30.27 -27.59
N GLY A 91 -6.81 -29.26 -27.91
CA GLY A 91 -8.20 -29.31 -27.51
C GLY A 91 -8.88 -27.96 -27.36
N TRP A 92 -8.11 -26.88 -27.29
CA TRP A 92 -8.73 -25.57 -27.15
C TRP A 92 -9.56 -25.39 -28.41
N PRO A 93 -10.84 -25.06 -28.26
CA PRO A 93 -11.70 -24.88 -29.44
C PRO A 93 -11.28 -23.65 -30.26
N GLY A 94 -11.24 -23.82 -31.58
CA GLY A 94 -10.81 -22.75 -32.45
C GLY A 94 -11.79 -21.62 -32.72
N ASP A 95 -13.06 -21.87 -32.42
CA ASP A 95 -14.09 -20.86 -32.65
C ASP A 95 -14.51 -20.19 -31.34
N HIS A 96 -13.71 -20.36 -30.29
CA HIS A 96 -14.02 -19.73 -29.00
C HIS A 96 -13.28 -18.40 -28.91
N PRO A 97 -13.96 -17.36 -28.40
CA PRO A 97 -13.36 -16.03 -28.25
C PRO A 97 -12.10 -16.00 -27.40
N LEU A 98 -11.27 -14.99 -27.62
CA LEU A 98 -10.04 -14.83 -26.88
C LEU A 98 -10.13 -13.49 -26.16
N ASP A 99 -11.29 -12.85 -26.30
CA ASP A 99 -11.55 -11.55 -25.69
C ASP A 99 -11.33 -11.52 -24.19
N ALA A 100 -10.98 -10.35 -23.69
CA ALA A 100 -10.79 -10.12 -22.25
C ALA A 100 -11.90 -9.12 -21.97
N ALA A 101 -12.89 -9.50 -21.18
CA ALA A 101 -14.00 -8.58 -20.89
C ALA A 101 -14.13 -8.17 -19.43
N TRP A 102 -14.36 -6.87 -19.22
CA TRP A 102 -14.55 -6.31 -17.88
C TRP A 102 -16.05 -6.15 -17.66
N VAL A 103 -16.59 -6.82 -16.64
CA VAL A 103 -18.02 -6.76 -16.38
C VAL A 103 -18.40 -6.59 -14.91
N THR A 104 -19.70 -6.45 -14.68
CA THR A 104 -20.27 -6.29 -13.35
C THR A 104 -20.58 -7.70 -12.87
N ARG A 105 -20.88 -8.56 -13.83
CA ARG A 105 -21.19 -9.96 -13.62
C ARG A 105 -21.11 -10.65 -14.96
N VAL A 106 -20.83 -11.94 -14.95
CA VAL A 106 -20.78 -12.66 -16.22
C VAL A 106 -22.22 -12.91 -16.63
N GLY A 107 -22.78 -11.92 -17.32
CA GLY A 107 -24.17 -11.99 -17.76
C GLY A 107 -24.83 -10.68 -17.37
N GLY A 108 -24.06 -9.84 -16.69
CA GLY A 108 -24.56 -8.54 -16.27
C GLY A 108 -24.21 -7.53 -17.32
N HIS A 109 -23.93 -6.31 -16.89
CA HIS A 109 -23.57 -5.25 -17.82
C HIS A 109 -22.10 -5.36 -18.19
N GLU A 110 -21.80 -5.22 -19.48
CA GLU A 110 -20.42 -5.26 -19.93
C GLU A 110 -19.90 -3.83 -19.83
N VAL A 111 -18.65 -3.68 -19.40
CA VAL A 111 -18.07 -2.36 -19.23
C VAL A 111 -17.01 -2.00 -20.26
N TYR A 112 -16.02 -2.88 -20.43
CA TYR A 112 -14.94 -2.66 -21.37
C TYR A 112 -14.60 -4.00 -21.97
N ARG A 113 -14.09 -4.02 -23.19
CA ARG A 113 -13.76 -5.29 -23.84
C ARG A 113 -12.63 -5.14 -24.84
N ILE A 114 -11.80 -6.17 -24.95
CA ILE A 114 -10.68 -6.16 -25.88
C ILE A 114 -10.91 -7.31 -26.85
N PRO A 115 -11.41 -7.02 -28.05
CA PRO A 115 -11.62 -8.12 -28.99
C PRO A 115 -10.25 -8.71 -29.28
N LEU A 116 -10.17 -10.03 -29.35
CA LEU A 116 -8.89 -10.67 -29.62
C LEU A 116 -9.11 -11.87 -30.53
N GLY A 117 -10.25 -11.83 -31.23
CA GLY A 117 -10.64 -12.88 -32.17
C GLY A 117 -10.70 -14.29 -31.61
N THR A 118 -10.61 -15.26 -32.50
CA THR A 118 -10.61 -16.65 -32.07
C THR A 118 -9.29 -17.26 -32.48
N ALA A 119 -9.05 -18.50 -32.08
CA ALA A 119 -7.82 -19.17 -32.43
C ALA A 119 -7.75 -19.23 -33.95
N ASP A 120 -8.81 -19.74 -34.58
CA ASP A 120 -8.83 -19.90 -36.03
C ASP A 120 -8.69 -18.62 -36.85
N THR A 121 -9.64 -17.70 -36.71
CA THR A 121 -9.77 -16.54 -37.58
C THR A 121 -9.19 -15.41 -36.75
N ARG A 122 -8.01 -14.93 -37.13
CA ARG A 122 -7.34 -13.82 -36.44
C ARG A 122 -6.08 -13.47 -37.22
N ALA A 123 -5.71 -12.20 -37.14
CA ALA A 123 -4.54 -11.66 -37.83
C ALA A 123 -3.26 -12.41 -37.48
N THR A 124 -2.68 -13.09 -38.48
CA THR A 124 -1.43 -13.82 -38.28
C THR A 124 -0.35 -12.78 -37.93
N PRO A 125 0.20 -12.84 -36.71
CA PRO A 125 1.24 -11.93 -36.19
C PRO A 125 2.38 -11.66 -37.17
N GLU A 126 2.94 -10.46 -37.10
CA GLU A 126 4.03 -10.09 -38.00
C GLU A 126 5.42 -10.21 -37.36
N HIS A 127 5.49 -10.09 -36.04
CA HIS A 127 6.77 -10.17 -35.35
C HIS A 127 7.09 -11.58 -34.86
N THR A 128 6.14 -12.50 -35.04
CA THR A 128 6.37 -13.88 -34.62
C THR A 128 5.65 -14.90 -35.50
N PRO A 129 6.25 -16.08 -35.71
CA PRO A 129 5.62 -17.10 -36.54
C PRO A 129 4.65 -17.95 -35.69
N GLU A 130 4.76 -17.82 -34.38
CA GLU A 130 3.93 -18.57 -33.44
C GLU A 130 3.20 -17.67 -32.45
N PRO A 131 1.91 -17.40 -32.71
CA PRO A 131 1.21 -16.55 -31.76
C PRO A 131 1.02 -17.30 -30.44
N ASP A 132 0.58 -16.59 -29.40
CA ASP A 132 0.38 -17.23 -28.11
C ASP A 132 -0.62 -18.37 -28.31
N ALA A 133 -0.78 -19.23 -27.31
CA ALA A 133 -1.73 -20.32 -27.45
C ALA A 133 -2.40 -20.66 -26.13
N ILE A 134 -3.50 -21.40 -26.19
CA ILE A 134 -4.22 -21.79 -24.99
C ILE A 134 -4.06 -23.29 -24.81
N CYS A 135 -3.71 -23.73 -23.61
CA CYS A 135 -3.55 -25.15 -23.37
C CYS A 135 -3.45 -25.43 -21.88
N PRO A 136 -4.59 -25.58 -21.20
CA PRO A 136 -4.56 -25.85 -19.75
C PRO A 136 -3.71 -27.06 -19.40
N ALA A 137 -3.35 -27.17 -18.12
CA ALA A 137 -2.53 -28.28 -17.64
C ALA A 137 -3.03 -29.70 -17.92
N HIS A 138 -4.35 -29.91 -17.91
CA HIS A 138 -4.86 -31.26 -18.15
C HIS A 138 -4.77 -31.63 -19.62
N TRP A 139 -4.00 -30.86 -20.36
CA TRP A 139 -3.77 -31.14 -21.77
C TRP A 139 -2.27 -31.02 -22.00
N LEU A 140 -1.68 -29.95 -21.47
CA LEU A 140 -0.26 -29.71 -21.63
C LEU A 140 0.62 -30.78 -21.00
N ALA A 141 0.22 -31.26 -19.82
CA ALA A 141 0.96 -32.29 -19.10
C ALA A 141 1.17 -33.56 -19.93
N PRO A 142 0.08 -34.18 -20.40
CA PRO A 142 0.18 -35.40 -21.19
C PRO A 142 1.05 -35.17 -22.43
N LEU A 143 0.89 -33.99 -23.02
CA LEU A 143 1.63 -33.61 -24.22
C LEU A 143 3.12 -33.65 -23.96
N LEU A 144 3.53 -32.80 -23.02
CA LEU A 144 4.92 -32.70 -22.66
C LEU A 144 5.48 -34.03 -22.18
N ALA A 145 4.61 -34.87 -21.62
CA ALA A 145 5.06 -36.17 -21.13
C ALA A 145 5.45 -37.06 -22.28
N GLU A 146 4.57 -37.17 -23.27
CA GLU A 146 4.84 -38.02 -24.41
C GLU A 146 6.03 -37.55 -25.23
N ALA A 147 6.14 -36.24 -25.43
CA ALA A 147 7.23 -35.66 -26.20
C ALA A 147 8.54 -36.00 -25.51
N VAL A 148 8.52 -36.02 -24.17
CA VAL A 148 9.70 -36.34 -23.40
C VAL A 148 9.98 -37.86 -23.37
N GLY A 149 8.92 -38.66 -23.29
CA GLY A 149 9.10 -40.10 -23.29
C GLY A 149 9.58 -40.77 -22.02
N GLU A 150 10.26 -41.91 -22.19
CA GLU A 150 10.78 -42.72 -21.08
C GLU A 150 11.62 -41.98 -20.04
N ARG A 151 12.34 -40.95 -20.47
CA ARG A 151 13.17 -40.22 -19.54
C ARG A 151 12.41 -39.38 -18.51
N LEU A 152 11.12 -39.65 -18.38
CA LEU A 152 10.29 -38.97 -17.39
C LEU A 152 9.82 -40.02 -16.40
N ARG A 153 10.39 -40.00 -15.20
CA ARG A 153 10.00 -40.97 -14.20
C ARG A 153 8.95 -40.38 -13.26
N THR A 154 7.69 -40.57 -13.64
CA THR A 154 6.55 -40.08 -12.89
C THR A 154 6.36 -40.90 -11.61
N ARG A 155 5.68 -40.30 -10.63
CA ARG A 155 5.44 -40.99 -9.39
C ARG A 155 6.78 -41.42 -8.77
N SER A 156 7.77 -40.53 -8.86
CA SER A 156 9.09 -40.78 -8.30
C SER A 156 9.46 -39.62 -7.38
N ARG A 157 9.88 -39.94 -6.17
CA ARG A 157 10.20 -38.93 -5.18
C ARG A 157 11.66 -38.87 -4.83
N LEU A 158 12.20 -37.65 -4.74
CA LEU A 158 13.59 -37.45 -4.38
C LEU A 158 13.69 -37.55 -2.86
N ASP A 159 14.38 -38.56 -2.36
CA ASP A 159 14.52 -38.73 -0.92
C ASP A 159 15.44 -37.61 -0.49
N SER A 160 16.63 -37.59 -1.07
CA SER A 160 17.60 -36.56 -0.75
C SER A 160 18.68 -36.46 -1.81
N PHE A 161 19.53 -35.45 -1.67
CA PHE A 161 20.62 -35.26 -2.59
C PHE A 161 21.84 -34.80 -1.83
N GLU A 162 22.99 -35.30 -2.23
CA GLU A 162 24.26 -34.94 -1.63
C GLU A 162 25.13 -34.44 -2.79
N GLN A 163 25.78 -33.31 -2.61
CA GLN A 163 26.62 -32.76 -3.67
C GLN A 163 28.08 -33.19 -3.50
N ARG A 164 28.65 -33.79 -4.55
CA ARG A 164 30.05 -34.21 -4.53
C ARG A 164 30.88 -33.26 -5.38
N ASP A 165 32.18 -33.46 -5.41
CA ASP A 165 33.06 -32.58 -6.17
C ASP A 165 32.71 -32.39 -7.64
N ASP A 166 32.68 -33.49 -8.39
CA ASP A 166 32.38 -33.40 -9.82
C ASP A 166 31.00 -33.92 -10.21
N HIS A 167 30.14 -34.16 -9.22
CA HIS A 167 28.80 -34.63 -9.50
C HIS A 167 27.87 -34.52 -8.30
N VAL A 168 26.62 -34.91 -8.50
CA VAL A 168 25.61 -34.86 -7.45
C VAL A 168 25.02 -36.25 -7.29
N ARG A 169 24.67 -36.60 -6.06
CA ARG A 169 24.09 -37.90 -5.78
C ARG A 169 22.76 -37.74 -5.08
N ALA A 170 21.72 -38.29 -5.68
CA ALA A 170 20.39 -38.21 -5.11
C ALA A 170 19.88 -39.61 -4.83
N THR A 171 18.66 -39.69 -4.34
CA THR A 171 18.06 -40.98 -4.04
C THR A 171 16.57 -40.87 -4.35
N ILE A 172 16.15 -41.57 -5.40
CA ILE A 172 14.76 -41.52 -5.80
C ILE A 172 14.01 -42.80 -5.47
N THR A 173 12.84 -42.65 -4.87
CA THR A 173 11.98 -43.77 -4.49
C THR A 173 10.89 -43.93 -5.53
N ASP A 174 10.88 -45.09 -6.19
CA ASP A 174 9.86 -45.38 -7.20
C ASP A 174 8.53 -45.59 -6.48
N LEU A 175 7.78 -44.52 -6.29
CA LEU A 175 6.49 -44.57 -5.61
C LEU A 175 5.49 -45.59 -6.16
N ARG A 176 5.90 -46.33 -7.18
CA ARG A 176 5.02 -47.32 -7.79
C ARG A 176 5.42 -48.72 -7.33
N THR A 177 6.72 -48.92 -7.13
CA THR A 177 7.27 -50.20 -6.69
C THR A 177 7.87 -50.11 -5.28
N GLY A 178 8.11 -48.89 -4.82
CA GLY A 178 8.68 -48.67 -3.50
C GLY A 178 10.19 -48.67 -3.46
N ALA A 179 10.81 -49.32 -4.44
CA ALA A 179 12.26 -49.40 -4.51
C ALA A 179 12.89 -48.02 -4.53
N THR A 180 14.06 -47.91 -3.91
CA THR A 180 14.77 -46.64 -3.88
C THR A 180 16.00 -46.84 -4.75
N ARG A 181 16.43 -45.80 -5.44
CA ARG A 181 17.59 -45.88 -6.32
C ARG A 181 18.46 -44.62 -6.26
N ALA A 182 19.77 -44.83 -6.28
CA ALA A 182 20.73 -43.72 -6.22
C ALA A 182 20.98 -43.23 -7.64
N VAL A 183 21.18 -41.93 -7.79
CA VAL A 183 21.41 -41.34 -9.10
C VAL A 183 22.66 -40.46 -9.13
N HIS A 184 23.54 -40.75 -10.10
CA HIS A 184 24.78 -39.99 -10.32
C HIS A 184 24.38 -38.91 -11.31
N ALA A 185 24.98 -37.72 -11.23
CA ALA A 185 24.63 -36.68 -12.18
C ALA A 185 25.57 -35.49 -12.14
N ARG A 186 26.07 -35.09 -13.32
CA ARG A 186 26.97 -33.95 -13.40
C ARG A 186 26.32 -32.71 -12.79
N TYR A 187 25.03 -32.51 -13.06
CA TYR A 187 24.30 -31.36 -12.53
C TYR A 187 22.88 -31.73 -12.13
N LEU A 188 22.31 -30.95 -11.21
CA LEU A 188 20.95 -31.19 -10.75
C LEU A 188 20.18 -29.89 -10.84
N VAL A 189 19.06 -29.92 -11.58
CA VAL A 189 18.23 -28.75 -11.75
C VAL A 189 16.86 -28.98 -11.14
N ALA A 190 16.49 -28.07 -10.23
CA ALA A 190 15.22 -28.13 -9.53
C ALA A 190 14.18 -27.16 -10.06
N CYS A 191 12.97 -27.67 -10.23
CA CYS A 191 11.83 -26.90 -10.70
C CYS A 191 10.72 -27.34 -9.77
N ASP A 192 11.06 -27.47 -8.49
CA ASP A 192 10.09 -27.91 -7.49
C ASP A 192 9.18 -26.80 -6.98
N GLY A 193 8.77 -25.94 -7.90
CA GLY A 193 7.85 -24.86 -7.54
C GLY A 193 8.32 -23.75 -6.62
N ALA A 194 7.41 -22.86 -6.30
CA ALA A 194 7.75 -21.68 -5.58
C ALA A 194 8.05 -21.96 -4.14
N SER A 195 7.79 -23.18 -3.72
CA SER A 195 8.02 -23.56 -2.36
C SER A 195 9.28 -24.36 -2.24
N SER A 196 10.08 -24.36 -3.28
CA SER A 196 11.17 -25.28 -3.50
C SER A 196 11.89 -25.68 -2.28
N PRO A 197 11.79 -26.95 -1.97
CA PRO A 197 12.58 -27.52 -0.89
C PRO A 197 14.08 -27.41 -1.18
N THR A 198 14.46 -27.67 -2.42
CA THR A 198 15.86 -27.60 -2.84
C THR A 198 16.48 -26.24 -2.53
N ARG A 199 15.71 -25.19 -2.73
CA ARG A 199 16.19 -23.84 -2.46
C ARG A 199 16.35 -23.67 -0.97
N LYS A 200 15.35 -24.12 -0.22
CA LYS A 200 15.38 -24.04 1.23
C LYS A 200 16.61 -24.82 1.69
N ALA A 201 16.77 -26.02 1.15
CA ALA A 201 17.89 -26.87 1.51
C ALA A 201 19.23 -26.22 1.21
N LEU A 202 19.35 -25.56 0.06
CA LEU A 202 20.61 -24.91 -0.29
C LEU A 202 20.81 -23.65 0.51
N GLY A 203 19.84 -23.30 1.35
CA GLY A 203 19.96 -22.10 2.15
C GLY A 203 19.92 -20.83 1.32
N ILE A 204 19.17 -20.85 0.23
CA ILE A 204 19.06 -19.65 -0.59
C ILE A 204 17.72 -19.02 -0.28
N ASP A 205 17.72 -17.71 -0.05
CA ASP A 205 16.50 -17.00 0.29
C ASP A 205 15.87 -16.25 -0.87
N ALA A 206 14.57 -16.00 -0.76
CA ALA A 206 13.84 -15.29 -1.80
C ALA A 206 12.86 -14.30 -1.17
N PRO A 207 13.36 -13.20 -0.59
CA PRO A 207 12.46 -12.22 0.04
C PRO A 207 11.44 -11.66 -0.95
N PRO A 208 10.24 -11.31 -0.45
CA PRO A 208 9.15 -10.77 -1.27
C PRO A 208 9.40 -9.36 -1.83
N ARG A 209 9.32 -9.23 -3.15
CA ARG A 209 9.53 -7.94 -3.80
C ARG A 209 8.26 -7.09 -3.69
N HIS A 210 7.16 -7.73 -3.28
CA HIS A 210 5.89 -7.04 -3.14
C HIS A 210 5.01 -7.84 -2.18
N ARG A 211 3.95 -7.22 -1.68
CA ARG A 211 3.05 -7.85 -0.72
C ARG A 211 2.38 -9.14 -1.20
N THR A 212 2.27 -10.09 -0.27
CA THR A 212 1.66 -11.38 -0.52
C THR A 212 0.15 -11.29 -0.31
N GLN A 213 -0.62 -11.67 -1.32
CA GLN A 213 -2.07 -11.64 -1.20
C GLN A 213 -2.58 -13.06 -1.28
N VAL A 214 -3.81 -13.28 -0.82
CA VAL A 214 -4.44 -14.58 -0.83
C VAL A 214 -5.63 -14.59 -1.76
N PHE A 215 -5.82 -15.70 -2.47
CA PHE A 215 -6.94 -15.86 -3.39
C PHE A 215 -7.42 -17.29 -3.38
N ARG A 216 -8.66 -17.51 -3.80
CA ARG A 216 -9.22 -18.86 -3.88
C ARG A 216 -9.46 -19.17 -5.34
N ASN A 217 -9.18 -20.41 -5.77
CA ASN A 217 -9.42 -20.81 -7.16
C ASN A 217 -10.60 -21.74 -7.21
N ILE A 218 -11.77 -21.21 -7.53
CA ILE A 218 -12.94 -22.07 -7.60
C ILE A 218 -13.12 -22.65 -9.00
N LEU A 219 -12.85 -23.94 -9.13
CA LEU A 219 -13.00 -24.62 -10.40
C LEU A 219 -14.42 -25.15 -10.46
N PHE A 220 -15.19 -24.71 -11.45
CA PHE A 220 -16.54 -25.20 -11.58
C PHE A 220 -16.86 -25.54 -13.02
N ARG A 221 -17.95 -26.25 -13.22
CA ARG A 221 -18.38 -26.63 -14.56
C ARG A 221 -19.76 -26.08 -14.85
N ALA A 222 -19.89 -25.41 -16.00
CA ALA A 222 -21.16 -24.82 -16.44
C ALA A 222 -21.37 -25.26 -17.88
N PRO A 223 -21.99 -26.42 -18.09
CA PRO A 223 -22.27 -27.03 -19.39
C PRO A 223 -22.86 -26.08 -20.43
N GLU A 224 -23.73 -25.18 -19.99
CA GLU A 224 -24.40 -24.25 -20.89
C GLU A 224 -23.97 -22.81 -20.83
N LEU A 225 -23.13 -22.46 -19.85
CA LEU A 225 -22.67 -21.09 -19.69
C LEU A 225 -22.24 -20.42 -20.98
N ARG A 226 -21.60 -21.18 -21.86
CA ARG A 226 -21.16 -20.62 -23.13
C ARG A 226 -22.30 -20.35 -24.08
N SER A 227 -23.26 -21.28 -24.14
CA SER A 227 -24.42 -21.13 -25.02
C SER A 227 -25.21 -19.88 -24.63
N LEU A 228 -25.41 -19.72 -23.32
CA LEU A 228 -26.14 -18.58 -22.79
C LEU A 228 -25.47 -17.27 -23.16
N LEU A 229 -24.15 -17.21 -22.94
CA LEU A 229 -23.37 -16.02 -23.26
C LEU A 229 -23.41 -15.75 -24.75
N GLY A 230 -23.08 -16.77 -25.52
CA GLY A 230 -23.08 -16.65 -26.97
C GLY A 230 -21.93 -15.83 -27.49
N GLU A 231 -22.26 -14.84 -28.32
CA GLU A 231 -21.26 -13.95 -28.91
C GLU A 231 -20.56 -13.13 -27.83
N ARG A 232 -21.18 -13.06 -26.64
CA ARG A 232 -20.63 -12.31 -25.52
C ARG A 232 -19.63 -13.09 -24.65
N ALA A 233 -19.22 -14.25 -25.14
CA ALA A 233 -18.26 -15.10 -24.41
C ALA A 233 -16.87 -14.47 -24.41
N ALA A 234 -16.01 -14.95 -23.54
CA ALA A 234 -14.66 -14.42 -23.47
C ALA A 234 -13.68 -15.41 -22.85
N LEU A 235 -12.42 -15.33 -23.24
CA LEU A 235 -11.43 -16.21 -22.67
C LEU A 235 -11.43 -15.92 -21.16
N VAL A 236 -11.55 -14.64 -20.82
CA VAL A 236 -11.56 -14.23 -19.41
C VAL A 236 -12.43 -13.00 -19.11
N PHE A 237 -13.05 -13.02 -17.94
CA PHE A 237 -13.90 -11.94 -17.49
C PHE A 237 -13.29 -11.33 -16.24
N PHE A 238 -13.15 -10.01 -16.23
CA PHE A 238 -12.64 -9.34 -15.04
C PHE A 238 -13.88 -8.85 -14.31
N LEU A 239 -14.08 -9.31 -13.08
CA LEU A 239 -15.24 -8.88 -12.34
C LEU A 239 -15.08 -7.56 -11.60
N MET A 240 -16.15 -6.77 -11.58
CA MET A 240 -16.15 -5.49 -10.87
C MET A 240 -17.42 -5.52 -10.06
N LEU A 241 -17.52 -6.52 -9.18
CA LEU A 241 -18.69 -6.75 -8.34
C LEU A 241 -18.47 -6.52 -6.84
N SER A 242 -17.21 -6.53 -6.41
CA SER A 242 -16.88 -6.31 -5.00
C SER A 242 -15.37 -6.31 -4.78
N SER A 243 -14.96 -6.08 -3.55
CA SER A 243 -13.55 -6.07 -3.23
C SER A 243 -12.99 -7.46 -3.45
N SER A 244 -13.79 -8.47 -3.10
CA SER A 244 -13.38 -9.85 -3.26
C SER A 244 -13.72 -10.40 -4.64
N LEU A 245 -14.74 -9.85 -5.28
CA LEU A 245 -15.13 -10.31 -6.60
C LEU A 245 -14.78 -9.33 -7.70
N ARG A 246 -13.52 -8.93 -7.77
CA ARG A 246 -13.10 -8.03 -8.83
C ARG A 246 -11.92 -8.66 -9.55
N PHE A 247 -12.00 -9.98 -9.70
CA PHE A 247 -10.93 -10.74 -10.32
C PHE A 247 -11.45 -11.66 -11.44
N PRO A 248 -10.55 -12.07 -12.34
CA PRO A 248 -10.91 -12.93 -13.46
C PRO A 248 -11.71 -14.20 -13.23
N LEU A 249 -12.48 -14.53 -14.26
CA LEU A 249 -13.28 -15.73 -14.35
C LEU A 249 -12.88 -16.17 -15.74
N ARG A 250 -12.13 -17.26 -15.82
CA ARG A 250 -11.61 -17.76 -17.09
C ARG A 250 -12.20 -19.04 -17.65
N SER A 251 -12.33 -19.08 -18.97
CA SER A 251 -12.84 -20.27 -19.66
C SER A 251 -11.58 -21.12 -19.87
N LEU A 252 -11.44 -22.18 -19.08
CA LEU A 252 -10.26 -23.02 -19.16
C LEU A 252 -10.13 -23.86 -20.40
N ASP A 253 -11.20 -24.54 -20.80
CA ASP A 253 -11.16 -25.39 -21.97
C ASP A 253 -12.26 -25.00 -22.95
N GLY A 254 -12.90 -23.87 -22.70
CA GLY A 254 -13.97 -23.39 -23.55
C GLY A 254 -14.98 -24.47 -23.88
N ARG A 255 -15.10 -25.45 -22.99
CA ARG A 255 -16.01 -26.56 -23.18
C ARG A 255 -16.80 -26.85 -21.91
N GLY A 256 -16.88 -25.89 -21.00
CA GLY A 256 -17.61 -26.11 -19.79
C GLY A 256 -16.85 -25.89 -18.51
N LEU A 257 -15.53 -26.03 -18.57
CA LEU A 257 -14.67 -25.82 -17.40
C LEU A 257 -14.39 -24.35 -17.21
N TYR A 258 -14.42 -23.90 -15.96
CA TYR A 258 -14.16 -22.50 -15.63
C TYR A 258 -13.45 -22.38 -14.29
N ASN A 259 -12.77 -21.26 -14.10
CA ASN A 259 -12.06 -20.99 -12.86
C ASN A 259 -12.38 -19.58 -12.39
N LEU A 260 -12.82 -19.45 -11.15
CA LEU A 260 -13.18 -18.16 -10.60
C LEU A 260 -12.22 -17.78 -9.49
N VAL A 261 -11.55 -16.66 -9.68
CA VAL A 261 -10.60 -16.18 -8.68
C VAL A 261 -11.33 -15.22 -7.76
N VAL A 262 -11.12 -15.38 -6.47
CA VAL A 262 -11.78 -14.50 -5.52
C VAL A 262 -10.80 -14.06 -4.45
N GLY A 263 -10.83 -12.77 -4.17
CA GLY A 263 -9.94 -12.20 -3.17
C GLY A 263 -10.33 -12.52 -1.73
N VAL A 264 -9.35 -12.99 -0.97
CA VAL A 264 -9.58 -13.31 0.43
C VAL A 264 -8.95 -12.26 1.31
N ASP A 265 -9.75 -11.47 2.01
CA ASP A 265 -9.17 -10.49 2.91
C ASP A 265 -8.32 -11.39 3.79
N ASP A 266 -7.49 -10.78 4.65
CA ASP A 266 -6.58 -11.51 5.54
C ASP A 266 -7.31 -12.41 6.55
N ALA A 267 -8.64 -12.51 6.41
CA ALA A 267 -9.48 -13.34 7.28
C ALA A 267 -9.69 -12.66 8.64
N MET A 272 -20.18 -16.19 0.76
CA MET A 272 -18.83 -16.47 1.25
C MET A 272 -18.54 -17.95 1.06
N ASP A 273 -19.45 -18.64 0.37
CA ASP A 273 -19.32 -20.07 0.10
C ASP A 273 -19.00 -20.30 -1.37
N SER A 274 -18.40 -21.43 -1.67
CA SER A 274 -18.02 -21.74 -3.04
C SER A 274 -19.15 -21.59 -4.05
N PHE A 275 -20.23 -22.34 -3.87
CA PHE A 275 -21.35 -22.28 -4.79
C PHE A 275 -22.04 -20.93 -4.76
N GLU A 276 -22.00 -20.27 -3.61
CA GLU A 276 -22.63 -18.96 -3.45
C GLU A 276 -21.87 -17.93 -4.28
N LEU A 277 -20.55 -17.97 -4.16
CA LEU A 277 -19.68 -17.05 -4.87
C LEU A 277 -19.84 -17.19 -6.38
N VAL A 278 -19.68 -18.41 -6.90
CA VAL A 278 -19.82 -18.64 -8.32
C VAL A 278 -21.16 -18.13 -8.81
N ARG A 279 -22.22 -18.39 -8.04
CA ARG A 279 -23.53 -17.93 -8.42
C ARG A 279 -23.61 -16.41 -8.32
N ARG A 280 -22.67 -15.81 -7.59
CA ARG A 280 -22.64 -14.38 -7.47
C ARG A 280 -22.01 -13.81 -8.74
N ALA A 281 -20.93 -14.44 -9.20
CA ALA A 281 -20.24 -13.99 -10.39
C ALA A 281 -21.06 -14.14 -11.66
N VAL A 282 -21.82 -15.23 -11.76
CA VAL A 282 -22.65 -15.50 -12.93
C VAL A 282 -24.12 -15.08 -12.75
N ALA A 283 -24.60 -14.25 -13.66
CA ALA A 283 -25.96 -13.73 -13.60
C ALA A 283 -26.99 -14.70 -14.17
N PHE A 284 -26.55 -15.87 -14.60
CA PHE A 284 -27.48 -16.84 -15.16
C PHE A 284 -27.97 -17.82 -14.12
N ASP A 285 -29.09 -18.46 -14.43
CA ASP A 285 -29.68 -19.47 -13.57
C ASP A 285 -29.51 -20.75 -14.38
N THR A 286 -28.27 -21.22 -14.42
CA THR A 286 -27.89 -22.41 -15.17
C THR A 286 -27.10 -23.38 -14.27
N GLU A 287 -27.11 -24.67 -14.64
CA GLU A 287 -26.41 -25.68 -13.87
C GLU A 287 -24.96 -25.31 -13.58
N ILE A 288 -24.60 -25.40 -12.30
CA ILE A 288 -23.26 -25.08 -11.86
C ILE A 288 -22.72 -26.16 -10.91
N GLU A 289 -21.57 -26.72 -11.24
CA GLU A 289 -20.95 -27.75 -10.41
C GLU A 289 -19.54 -27.38 -10.00
N VAL A 290 -19.37 -27.02 -8.74
CA VAL A 290 -18.05 -26.68 -8.21
C VAL A 290 -17.21 -27.98 -8.08
N LEU A 291 -16.01 -27.98 -8.67
CA LEU A 291 -15.14 -29.16 -8.61
C LEU A 291 -14.03 -29.01 -7.58
N SER A 292 -13.52 -27.80 -7.41
CA SER A 292 -12.47 -27.57 -6.43
C SER A 292 -12.51 -26.11 -6.03
N ASP A 293 -12.04 -25.85 -4.82
CA ASP A 293 -12.00 -24.51 -4.28
C ASP A 293 -10.80 -24.49 -3.33
N SER A 294 -9.68 -23.93 -3.79
CA SER A 294 -8.48 -23.92 -2.97
C SER A 294 -7.73 -22.58 -2.90
N GLU A 295 -6.99 -22.39 -1.82
CA GLU A 295 -6.20 -21.20 -1.61
C GLU A 295 -4.88 -21.26 -2.36
N TRP A 296 -4.31 -20.09 -2.63
CA TRP A 296 -3.03 -19.99 -3.29
C TRP A 296 -2.51 -18.58 -3.09
N HIS A 297 -1.32 -18.48 -2.50
CA HIS A 297 -0.70 -17.19 -2.26
C HIS A 297 -0.14 -16.60 -3.55
N LEU A 298 -0.34 -15.31 -3.75
CA LEU A 298 0.22 -14.64 -4.92
C LEU A 298 1.50 -14.04 -4.34
N THR A 299 2.65 -14.48 -4.82
CA THR A 299 3.91 -13.95 -4.29
C THR A 299 4.84 -13.35 -5.34
N HIS A 300 5.75 -12.51 -4.89
CA HIS A 300 6.73 -11.85 -5.74
C HIS A 300 8.08 -12.14 -5.13
N ARG A 301 8.67 -13.26 -5.52
CA ARG A 301 9.94 -13.69 -4.97
C ARG A 301 10.95 -14.13 -6.01
N VAL A 302 12.16 -13.58 -5.90
CA VAL A 302 13.24 -13.94 -6.79
C VAL A 302 14.35 -14.41 -5.88
N ALA A 303 14.87 -15.60 -6.14
CA ALA A 303 15.93 -16.14 -5.31
C ALA A 303 17.20 -15.29 -5.37
N ASP A 304 17.89 -15.17 -4.25
CA ASP A 304 19.14 -14.41 -4.18
C ASP A 304 20.15 -15.05 -5.11
N SER A 305 20.08 -16.37 -5.24
CA SER A 305 20.99 -17.10 -6.12
C SER A 305 20.22 -18.07 -6.98
N PHE A 306 20.77 -18.38 -8.15
CA PHE A 306 20.13 -19.32 -9.05
C PHE A 306 20.90 -20.63 -9.07
N SER A 307 21.91 -20.75 -8.23
CA SER A 307 22.68 -21.98 -8.16
C SER A 307 23.61 -22.04 -6.95
N ALA A 308 24.00 -23.25 -6.59
CA ALA A 308 24.90 -23.46 -5.48
C ALA A 308 25.82 -24.60 -5.92
N GLY A 309 26.82 -24.27 -6.74
CA GLY A 309 27.74 -25.28 -7.20
C GLY A 309 27.21 -26.07 -8.39
N ARG A 310 26.80 -27.31 -8.16
CA ARG A 310 26.29 -28.14 -9.23
C ARG A 310 24.77 -28.27 -9.21
N VAL A 311 24.12 -27.53 -8.31
CA VAL A 311 22.66 -27.58 -8.24
C VAL A 311 22.09 -26.25 -8.69
N PHE A 312 21.16 -26.29 -9.63
CA PHE A 312 20.54 -25.08 -10.16
C PHE A 312 19.07 -24.97 -9.82
N LEU A 313 18.49 -23.81 -10.11
CA LEU A 313 17.08 -23.55 -9.84
C LEU A 313 16.43 -22.88 -11.03
N THR A 314 15.24 -23.36 -11.43
CA THR A 314 14.52 -22.75 -12.55
C THR A 314 13.03 -22.59 -12.28
N GLY A 315 12.37 -21.78 -13.10
CA GLY A 315 10.96 -21.56 -12.94
C GLY A 315 10.66 -20.88 -11.63
N ASP A 316 9.59 -21.33 -10.97
CA ASP A 316 9.19 -20.76 -9.69
C ASP A 316 10.31 -20.80 -8.67
N ALA A 317 10.97 -21.94 -8.55
CA ALA A 317 12.07 -22.11 -7.60
C ALA A 317 13.08 -20.96 -7.63
N ALA A 318 13.18 -20.28 -8.76
CA ALA A 318 14.13 -19.18 -8.89
C ALA A 318 13.45 -17.82 -9.00
N HIS A 319 12.27 -17.80 -9.59
CA HIS A 319 11.55 -16.55 -9.75
C HIS A 319 10.04 -16.73 -9.89
N THR A 320 9.30 -16.29 -8.87
CA THR A 320 7.84 -16.36 -8.87
C THR A 320 7.26 -14.96 -9.05
N LEU A 321 6.26 -14.82 -9.93
CA LEU A 321 5.64 -13.52 -10.13
C LEU A 321 4.10 -13.59 -10.09
N SER A 322 3.46 -12.44 -10.27
CA SER A 322 2.02 -12.39 -10.28
C SER A 322 1.57 -12.87 -11.65
N PRO A 323 0.55 -13.74 -11.69
CA PRO A 323 0.05 -14.27 -12.97
C PRO A 323 -0.60 -13.26 -13.92
N SER A 324 -0.61 -11.98 -13.51
CA SER A 324 -1.21 -10.92 -14.32
C SER A 324 -0.34 -10.60 -15.53
N GLY A 325 -0.65 -11.26 -16.65
CA GLY A 325 0.09 -11.08 -17.87
C GLY A 325 0.63 -12.40 -18.37
N GLY A 326 0.45 -13.44 -17.57
CA GLY A 326 0.93 -14.76 -17.95
C GLY A 326 2.44 -14.83 -18.14
N PHE A 327 3.17 -13.89 -17.53
CA PHE A 327 4.63 -13.85 -17.66
C PHE A 327 5.32 -14.97 -16.89
N GLY A 328 4.64 -15.51 -15.90
CA GLY A 328 5.22 -16.56 -15.07
C GLY A 328 5.85 -17.74 -15.76
N MET A 329 5.03 -18.51 -16.47
CA MET A 329 5.51 -19.69 -17.16
C MET A 329 6.46 -19.37 -18.30
N ASN A 330 6.24 -18.25 -18.96
CA ASN A 330 7.11 -17.90 -20.07
C ASN A 330 8.49 -17.54 -19.59
N THR A 331 8.59 -17.00 -18.39
CA THR A 331 9.89 -16.63 -17.86
C THR A 331 10.63 -17.85 -17.37
N GLY A 332 9.87 -18.87 -16.97
CA GLY A 332 10.49 -20.08 -16.50
C GLY A 332 10.95 -20.94 -17.67
N ILE A 333 10.17 -20.92 -18.75
CA ILE A 333 10.52 -21.69 -19.93
C ILE A 333 11.67 -20.97 -20.61
N GLY A 334 11.64 -19.65 -20.51
CA GLY A 334 12.67 -18.82 -21.11
C GLY A 334 13.97 -19.04 -20.39
N SER A 335 13.90 -19.27 -19.07
CA SER A 335 15.08 -19.51 -18.25
C SER A 335 15.65 -20.92 -18.43
N ALA A 336 14.76 -21.91 -18.53
CA ALA A 336 15.17 -23.29 -18.74
C ALA A 336 15.97 -23.40 -20.03
N ALA A 337 15.48 -22.74 -21.08
CA ALA A 337 16.16 -22.77 -22.36
C ALA A 337 17.55 -22.14 -22.21
N ASP A 338 17.66 -21.06 -21.45
CA ASP A 338 18.97 -20.43 -21.29
C ASP A 338 19.92 -21.39 -20.58
N LEU A 339 19.42 -22.03 -19.53
CA LEU A 339 20.22 -22.98 -18.79
C LEU A 339 20.49 -24.22 -19.64
N GLY A 340 19.58 -24.48 -20.57
CA GLY A 340 19.69 -25.64 -21.41
C GLY A 340 20.93 -25.70 -22.27
N TRP A 341 21.20 -24.65 -23.02
CA TRP A 341 22.37 -24.67 -23.87
C TRP A 341 23.65 -24.39 -23.11
N LYS A 342 23.55 -23.83 -21.90
CA LYS A 342 24.75 -23.56 -21.12
C LYS A 342 25.19 -24.83 -20.41
N LEU A 343 24.22 -25.67 -20.07
CA LEU A 343 24.55 -26.93 -19.43
C LEU A 343 25.24 -27.82 -20.47
N ALA A 344 24.62 -27.96 -21.63
CA ALA A 344 25.17 -28.80 -22.69
C ALA A 344 26.57 -28.37 -23.08
N ALA A 345 26.78 -27.06 -23.25
CA ALA A 345 28.08 -26.52 -23.64
C ALA A 345 29.18 -26.89 -22.65
N THR A 346 28.85 -26.84 -21.36
CA THR A 346 29.80 -27.19 -20.32
C THR A 346 29.99 -28.70 -20.33
N LEU A 347 28.95 -29.42 -20.74
CA LEU A 347 29.00 -30.87 -20.81
C LEU A 347 29.82 -31.35 -22.00
N ARG A 348 29.66 -30.68 -23.14
CA ARG A 348 30.41 -31.03 -24.34
C ARG A 348 31.84 -30.53 -24.13
N GLY A 349 32.02 -29.70 -23.11
CA GLY A 349 33.32 -29.18 -22.78
C GLY A 349 33.83 -27.96 -23.52
N TRP A 350 33.00 -27.35 -24.35
CA TRP A 350 33.47 -26.17 -25.08
C TRP A 350 33.13 -24.82 -24.46
N ALA A 351 32.30 -24.79 -23.43
CA ALA A 351 31.98 -23.50 -22.82
C ALA A 351 33.11 -23.13 -21.87
N GLY A 352 33.29 -21.83 -21.65
CA GLY A 352 34.32 -21.40 -20.73
C GLY A 352 33.86 -21.77 -19.34
N PRO A 353 34.79 -21.91 -18.37
CA PRO A 353 34.37 -22.27 -17.01
C PRO A 353 33.46 -21.23 -16.35
N GLY A 354 33.30 -20.08 -17.00
CA GLY A 354 32.44 -19.03 -16.47
C GLY A 354 31.09 -18.87 -17.14
N LEU A 355 30.73 -19.78 -18.06
CA LEU A 355 29.45 -19.68 -18.76
C LEU A 355 28.23 -20.03 -17.91
N LEU A 356 28.33 -21.01 -17.02
CA LEU A 356 27.17 -21.35 -16.22
C LEU A 356 26.75 -20.17 -15.36
N ALA A 357 27.73 -19.42 -14.88
CA ALA A 357 27.47 -18.26 -14.04
C ALA A 357 26.59 -17.24 -14.76
N THR A 358 26.62 -17.27 -16.09
CA THR A 358 25.83 -16.34 -16.89
C THR A 358 24.32 -16.61 -16.90
N TYR A 359 23.93 -17.79 -16.43
CA TYR A 359 22.52 -18.14 -16.36
C TYR A 359 21.86 -17.11 -15.44
N GLU A 360 22.41 -16.97 -14.25
CA GLU A 360 21.90 -16.00 -13.29
C GLU A 360 22.17 -14.56 -13.72
N GLU A 361 23.32 -14.32 -14.31
CA GLU A 361 23.67 -12.98 -14.75
C GLU A 361 22.71 -12.44 -15.81
N GLU A 362 22.14 -13.32 -16.61
CA GLU A 362 21.23 -12.86 -17.66
C GLU A 362 19.76 -13.07 -17.33
N ARG A 363 19.47 -14.21 -16.72
CA ARG A 363 18.10 -14.56 -16.39
C ARG A 363 17.50 -13.95 -15.15
N ARG A 364 18.31 -13.52 -14.20
CA ARG A 364 17.77 -12.92 -12.99
C ARG A 364 17.16 -11.58 -13.36
N PRO A 365 17.94 -10.69 -14.00
CA PRO A 365 17.42 -9.37 -14.38
C PRO A 365 16.16 -9.42 -15.25
N VAL A 366 15.96 -10.51 -15.98
CA VAL A 366 14.76 -10.61 -16.81
C VAL A 366 13.60 -10.98 -15.90
N ALA A 367 13.87 -11.92 -15.01
CA ALA A 367 12.84 -12.36 -14.07
C ALA A 367 12.31 -11.17 -13.30
N ILE A 368 13.24 -10.33 -12.84
CA ILE A 368 12.89 -9.14 -12.07
C ILE A 368 12.14 -8.11 -12.88
N THR A 369 12.50 -7.96 -14.15
CA THR A 369 11.82 -7.01 -14.99
C THR A 369 10.40 -7.50 -15.27
N SER A 370 10.27 -8.80 -15.53
CA SER A 370 8.96 -9.38 -15.79
C SER A 370 8.12 -9.38 -14.52
N LEU A 371 8.81 -9.47 -13.37
CA LEU A 371 8.14 -9.47 -12.09
C LEU A 371 7.46 -8.13 -11.84
N GLU A 372 8.20 -7.06 -12.10
CA GLU A 372 7.69 -5.71 -11.91
C GLU A 372 6.52 -5.37 -12.82
N GLU A 373 6.62 -5.76 -14.08
CA GLU A 373 5.57 -5.48 -15.04
C GLU A 373 4.31 -6.27 -14.65
N ALA A 374 4.51 -7.50 -14.22
CA ALA A 374 3.38 -8.32 -13.81
C ALA A 374 2.71 -7.58 -12.66
N ASN A 375 3.54 -7.00 -11.79
CA ASN A 375 3.03 -6.25 -10.64
C ASN A 375 2.27 -4.99 -11.05
N VAL A 376 2.71 -4.37 -12.15
CA VAL A 376 2.07 -3.18 -12.65
C VAL A 376 0.68 -3.52 -13.19
N ASN A 377 0.46 -4.78 -13.56
CA ASN A 377 -0.85 -5.20 -14.07
C ASN A 377 -1.74 -5.52 -12.89
N LEU A 378 -1.13 -6.12 -11.86
CA LEU A 378 -1.84 -6.49 -10.65
C LEU A 378 -2.35 -5.23 -9.97
N ARG A 379 -1.45 -4.26 -9.80
CA ARG A 379 -1.78 -2.99 -9.18
C ARG A 379 -2.92 -2.31 -9.91
N ARG A 380 -2.85 -2.31 -11.24
CA ARG A 380 -3.91 -1.70 -12.02
C ARG A 380 -5.28 -2.18 -11.50
N THR A 381 -5.44 -3.49 -11.36
CA THR A 381 -6.70 -4.06 -10.91
C THR A 381 -7.05 -3.73 -9.45
N MET A 382 -6.08 -3.77 -8.56
CA MET A 382 -6.32 -3.48 -7.15
C MET A 382 -6.70 -2.02 -6.86
N ASP A 383 -6.05 -1.09 -7.55
CA ASP A 383 -6.31 0.34 -7.33
C ASP A 383 -7.58 0.88 -7.97
N ARG A 384 -8.05 0.21 -9.02
CA ARG A 384 -9.23 0.62 -9.76
C ARG A 384 -10.37 0.48 -8.74
N GLU A 385 -10.79 1.57 -8.13
CA GLU A 385 -11.88 1.54 -7.14
C GLU A 385 -13.16 1.34 -7.95
N LEU A 386 -14.15 0.69 -7.35
CA LEU A 386 -15.43 0.39 -8.00
C LEU A 386 -16.58 1.33 -7.58
N PRO A 387 -17.19 2.02 -8.56
CA PRO A 387 -18.30 2.98 -8.41
C PRO A 387 -19.56 2.49 -7.70
N PRO A 388 -20.32 3.45 -7.13
CA PRO A 388 -21.57 3.25 -6.38
C PRO A 388 -22.65 2.46 -7.13
N GLY A 389 -23.22 3.08 -8.16
CA GLY A 389 -24.26 2.44 -8.93
C GLY A 389 -23.69 1.87 -10.21
N LEU A 390 -22.68 1.04 -10.08
CA LEU A 390 -22.03 0.43 -11.23
C LEU A 390 -22.94 -0.61 -11.88
N HIS A 391 -23.42 -1.56 -11.08
CA HIS A 391 -24.32 -2.57 -11.60
C HIS A 391 -25.75 -2.02 -11.68
N ASP A 392 -25.85 -0.69 -11.67
CA ASP A 392 -27.14 0.00 -11.75
C ASP A 392 -27.72 -0.15 -13.16
N ASP A 393 -29.00 -0.48 -13.24
CA ASP A 393 -29.68 -0.68 -14.52
C ASP A 393 -30.19 0.62 -15.15
N GLY A 394 -30.31 0.60 -16.47
CA GLY A 394 -30.78 1.78 -17.19
C GLY A 394 -29.81 2.95 -17.09
N PRO A 395 -29.92 3.95 -17.93
CA PRO A 395 -28.90 5.00 -18.00
C PRO A 395 -28.08 5.56 -16.81
N ARG A 396 -28.61 6.04 -15.69
CA ARG A 396 -27.69 6.64 -14.69
C ARG A 396 -26.49 5.74 -14.52
N GLY A 397 -26.74 4.48 -14.84
CA GLY A 397 -25.88 3.34 -14.65
C GLY A 397 -25.08 3.16 -15.91
N GLU A 398 -25.78 3.17 -17.05
CA GLU A 398 -25.13 3.03 -18.35
C GLU A 398 -24.06 4.11 -18.45
N ARG A 399 -24.37 5.28 -17.89
CA ARG A 399 -23.43 6.40 -17.93
C ARG A 399 -22.28 6.22 -16.97
N ILE A 400 -22.56 5.73 -15.76
CA ILE A 400 -21.51 5.49 -14.80
C ILE A 400 -20.53 4.48 -15.39
N ARG A 401 -21.07 3.37 -15.89
CA ARG A 401 -20.24 2.32 -16.50
C ARG A 401 -19.46 2.85 -17.69
N ALA A 402 -20.07 3.74 -18.46
CA ALA A 402 -19.41 4.33 -19.61
C ALA A 402 -18.18 5.07 -19.10
N ALA A 403 -18.35 5.79 -18.00
CA ALA A 403 -17.28 6.54 -17.38
C ALA A 403 -16.07 5.64 -17.15
N VAL A 404 -16.31 4.53 -16.45
CA VAL A 404 -15.24 3.57 -16.14
C VAL A 404 -14.58 3.00 -17.38
N ALA A 405 -15.39 2.59 -18.35
CA ALA A 405 -14.86 2.02 -19.59
C ALA A 405 -13.79 2.92 -20.17
N GLU A 406 -13.85 4.21 -19.84
CA GLU A 406 -12.87 5.16 -20.37
C GLU A 406 -11.68 5.31 -19.44
N LYS A 407 -11.92 5.46 -18.15
CA LYS A 407 -10.82 5.62 -17.22
C LYS A 407 -10.01 4.33 -17.20
N LEU A 408 -10.71 3.21 -17.42
CA LEU A 408 -10.09 1.88 -17.45
C LEU A 408 -9.11 1.82 -18.63
N GLU A 409 -9.57 2.29 -19.78
CA GLU A 409 -8.75 2.32 -20.98
C GLU A 409 -7.63 3.35 -20.80
N ARG A 410 -7.92 4.38 -20.03
CA ARG A 410 -6.94 5.43 -19.75
C ARG A 410 -5.89 4.88 -18.80
N SER A 411 -6.28 3.92 -17.96
CA SER A 411 -5.35 3.30 -17.02
C SER A 411 -4.49 2.29 -17.78
N GLY A 412 -4.85 2.06 -19.05
CA GLY A 412 -4.11 1.13 -19.89
C GLY A 412 -4.32 -0.33 -19.56
N ALA A 413 -5.56 -0.78 -19.63
CA ALA A 413 -5.89 -2.16 -19.35
C ALA A 413 -5.23 -3.08 -20.36
N ARG A 414 -5.42 -2.76 -21.64
CA ARG A 414 -4.88 -3.54 -22.75
C ARG A 414 -3.45 -4.04 -22.57
N ARG A 415 -2.63 -3.29 -21.82
CA ARG A 415 -1.24 -3.66 -21.56
C ARG A 415 -1.10 -5.08 -21.01
N GLU A 416 -2.10 -5.50 -20.25
CA GLU A 416 -2.10 -6.82 -19.64
C GLU A 416 -2.26 -7.95 -20.65
N PHE A 417 -2.80 -7.63 -21.83
CA PHE A 417 -2.99 -8.65 -22.85
C PHE A 417 -2.21 -8.42 -24.14
N ASP A 418 -1.67 -7.22 -24.31
CA ASP A 418 -0.86 -6.93 -25.49
C ASP A 418 0.47 -6.41 -24.94
N ALA A 419 1.35 -7.34 -24.60
CA ALA A 419 2.65 -6.97 -24.05
C ALA A 419 3.80 -7.59 -24.83
N PRO A 420 3.97 -7.19 -26.10
CA PRO A 420 5.05 -7.71 -26.95
C PRO A 420 6.44 -7.39 -26.43
N GLY A 421 6.53 -6.39 -25.56
CA GLY A 421 7.81 -6.00 -25.01
C GLY A 421 8.29 -6.92 -23.90
N ILE A 422 7.36 -7.60 -23.25
CA ILE A 422 7.72 -8.52 -22.18
C ILE A 422 7.99 -9.90 -22.76
N HIS A 423 7.28 -10.23 -23.83
CA HIS A 423 7.44 -11.53 -24.48
C HIS A 423 8.68 -11.64 -25.34
N PHE A 424 9.02 -10.54 -26.01
CA PHE A 424 10.17 -10.54 -26.88
C PHE A 424 11.28 -9.56 -26.48
N GLY A 425 10.89 -8.44 -25.88
CA GLY A 425 11.86 -7.43 -25.48
C GLY A 425 12.66 -7.58 -24.21
N HIS A 426 13.68 -8.42 -24.26
CA HIS A 426 14.57 -8.61 -23.11
C HIS A 426 15.98 -8.73 -23.64
N THR A 427 16.77 -7.70 -23.40
CA THR A 427 18.13 -7.70 -23.88
C THR A 427 19.10 -8.00 -22.76
N TYR A 428 19.98 -8.97 -22.99
CA TYR A 428 20.95 -9.33 -21.99
C TYR A 428 22.16 -8.41 -22.05
N ARG A 429 22.50 -7.86 -20.88
CA ARG A 429 23.67 -7.01 -20.74
C ARG A 429 24.55 -7.93 -19.91
N SER A 430 25.53 -8.56 -20.53
CA SER A 430 26.38 -9.47 -19.77
C SER A 430 27.78 -9.67 -20.31
N SER A 431 28.61 -10.28 -19.46
CA SER A 431 30.01 -10.55 -19.75
C SER A 431 30.27 -11.33 -21.03
N ILE A 432 29.21 -11.76 -21.69
CA ILE A 432 29.35 -12.53 -22.92
C ILE A 432 28.39 -12.04 -23.99
N VAL A 433 28.32 -10.72 -24.16
CA VAL A 433 27.49 -10.11 -25.19
C VAL A 433 28.27 -8.81 -25.31
N CYS A 434 28.82 -8.56 -26.49
CA CYS A 434 29.60 -7.36 -26.75
C CYS A 434 28.51 -6.32 -27.01
N GLY A 435 27.99 -5.75 -25.92
CA GLY A 435 26.88 -4.82 -26.01
C GLY A 435 27.17 -3.55 -26.78
N GLU A 436 26.10 -2.84 -27.14
CA GLU A 436 26.21 -1.58 -27.85
C GLU A 436 25.60 -0.50 -26.93
N PRO A 437 26.44 0.42 -26.43
CA PRO A 437 25.93 1.46 -25.55
C PRO A 437 24.76 2.24 -26.15
N TRP A 446 6.44 -2.33 -29.27
CA TRP A 446 7.87 -2.27 -29.31
C TRP A 446 8.28 -2.65 -30.68
N ARG A 447 9.56 -2.53 -30.99
CA ARG A 447 10.07 -2.89 -32.31
C ARG A 447 11.23 -3.90 -32.23
N PRO A 448 11.17 -4.95 -33.07
CA PRO A 448 12.20 -5.99 -33.12
C PRO A 448 13.59 -5.49 -33.51
N SER A 449 14.58 -5.87 -32.71
CA SER A 449 15.96 -5.47 -32.93
C SER A 449 16.88 -6.69 -33.02
N ALA A 450 18.02 -6.51 -33.67
CA ALA A 450 19.02 -7.57 -33.80
C ALA A 450 20.17 -7.09 -32.94
N ARG A 451 19.85 -6.17 -32.04
CA ARG A 451 20.80 -5.61 -31.10
C ARG A 451 21.38 -6.70 -30.20
N PRO A 452 22.68 -6.65 -29.92
CA PRO A 452 23.33 -7.65 -29.06
C PRO A 452 22.55 -7.89 -27.78
N GLY A 453 22.49 -9.15 -27.34
CA GLY A 453 21.78 -9.47 -26.13
C GLY A 453 20.28 -9.56 -26.36
N ALA A 454 19.82 -9.22 -27.55
CA ALA A 454 18.40 -9.30 -27.84
C ALA A 454 18.10 -10.57 -28.63
N ARG A 455 16.82 -10.86 -28.80
CA ARG A 455 16.38 -12.03 -29.55
C ARG A 455 16.39 -11.69 -31.04
N ALA A 456 17.09 -12.49 -31.83
CA ALA A 456 17.16 -12.28 -33.28
C ALA A 456 15.73 -12.25 -33.84
N PRO A 457 15.35 -11.16 -34.50
CA PRO A 457 14.01 -11.00 -35.07
C PRO A 457 13.49 -12.01 -36.06
N HIS A 458 12.17 -12.08 -36.14
CA HIS A 458 11.50 -12.98 -37.05
C HIS A 458 11.43 -12.35 -38.45
N ALA A 459 11.53 -13.22 -39.46
CA ALA A 459 11.47 -12.80 -40.85
C ALA A 459 11.31 -14.08 -41.64
N TRP A 460 10.62 -14.01 -42.77
CA TRP A 460 10.44 -15.21 -43.56
C TRP A 460 11.50 -15.34 -44.64
N LEU A 461 12.24 -16.45 -44.61
CA LEU A 461 13.24 -16.71 -45.61
C LEU A 461 12.49 -17.35 -46.76
N THR A 462 11.45 -18.09 -46.40
CA THR A 462 10.58 -18.75 -47.36
C THR A 462 9.25 -18.81 -46.63
N PRO A 463 8.15 -18.96 -47.36
CA PRO A 463 6.85 -19.03 -46.70
C PRO A 463 6.70 -20.14 -45.66
N THR A 464 7.74 -20.96 -45.50
CA THR A 464 7.66 -22.06 -44.53
C THR A 464 8.81 -22.10 -43.53
N THR A 465 9.86 -21.33 -43.78
CA THR A 465 11.00 -21.33 -42.88
C THR A 465 11.36 -19.93 -42.42
N SER A 466 11.16 -19.68 -41.13
CA SER A 466 11.47 -18.40 -40.52
C SER A 466 12.95 -18.36 -40.15
N THR A 467 13.48 -17.17 -39.93
CA THR A 467 14.88 -17.05 -39.57
C THR A 467 15.07 -17.72 -38.22
N LEU A 468 14.02 -17.68 -37.41
CA LEU A 468 14.06 -18.26 -36.08
C LEU A 468 14.42 -19.74 -36.14
N ASP A 469 14.02 -20.39 -37.22
CA ASP A 469 14.27 -21.81 -37.42
C ASP A 469 15.73 -22.22 -37.62
N LEU A 470 16.64 -21.25 -37.66
CA LEU A 470 18.04 -21.55 -37.85
C LEU A 470 18.76 -21.60 -36.50
N PHE A 471 18.17 -20.89 -35.54
CA PHE A 471 18.71 -20.81 -34.20
C PHE A 471 18.21 -21.95 -33.33
N GLY A 472 18.96 -22.27 -32.29
CA GLY A 472 18.54 -23.35 -31.40
C GLY A 472 19.54 -24.46 -31.20
N ARG A 473 20.52 -24.57 -32.09
CA ARG A 473 21.56 -25.60 -32.00
C ARG A 473 22.88 -25.11 -31.41
N GLY A 474 23.74 -24.57 -32.27
CA GLY A 474 25.03 -24.04 -31.83
C GLY A 474 25.06 -22.57 -32.26
N PHE A 475 26.22 -21.93 -32.31
CA PHE A 475 26.25 -20.53 -32.74
C PHE A 475 25.97 -20.44 -34.23
N VAL A 476 25.27 -19.41 -34.64
CA VAL A 476 24.96 -19.22 -36.03
C VAL A 476 25.34 -17.83 -36.50
N LEU A 477 26.16 -17.79 -37.55
CA LEU A 477 26.62 -16.54 -38.13
C LEU A 477 25.83 -16.18 -39.38
N LEU A 478 25.24 -15.00 -39.35
CA LEU A 478 24.45 -14.50 -40.47
C LEU A 478 25.23 -13.44 -41.24
N SER A 479 25.13 -13.49 -42.56
CA SER A 479 25.82 -12.51 -43.39
C SER A 479 24.88 -12.09 -44.50
N PHE A 480 24.98 -10.82 -44.89
CA PHE A 480 24.12 -10.30 -45.94
C PHE A 480 24.98 -9.82 -47.09
N GLY A 481 24.90 -10.54 -48.20
CA GLY A 481 25.69 -10.20 -49.37
C GLY A 481 27.11 -10.71 -49.45
N THR A 482 27.96 -10.21 -48.55
CA THR A 482 29.37 -10.58 -48.48
C THR A 482 29.55 -11.96 -47.83
N THR A 483 30.74 -12.53 -48.03
CA THR A 483 31.07 -13.83 -47.45
C THR A 483 32.54 -13.81 -47.08
N ASP A 484 33.11 -12.61 -47.05
CA ASP A 484 34.52 -12.42 -46.70
C ASP A 484 34.74 -12.44 -45.18
N GLY A 485 35.73 -13.18 -44.74
CA GLY A 485 36.02 -13.24 -43.32
C GLY A 485 35.30 -14.37 -42.62
N VAL A 486 34.41 -15.05 -43.35
CA VAL A 486 33.67 -16.15 -42.77
C VAL A 486 34.54 -17.38 -42.61
N GLU A 487 35.42 -17.63 -43.57
CA GLU A 487 36.32 -18.78 -43.48
C GLU A 487 37.16 -18.58 -42.21
N ALA A 488 37.34 -17.31 -41.85
CA ALA A 488 38.11 -16.96 -40.66
C ALA A 488 37.39 -17.42 -39.40
N VAL A 489 36.21 -16.88 -39.13
CA VAL A 489 35.45 -17.26 -37.96
C VAL A 489 35.23 -18.76 -37.93
N THR A 490 34.81 -19.33 -39.06
CA THR A 490 34.59 -20.76 -39.15
C THR A 490 35.75 -21.51 -38.49
N ARG A 491 36.95 -21.00 -38.67
CA ARG A 491 38.13 -21.66 -38.11
C ARG A 491 38.33 -21.32 -36.63
N ALA A 492 38.15 -20.06 -36.27
CA ALA A 492 38.30 -19.66 -34.87
C ALA A 492 37.42 -20.55 -34.00
N PHE A 493 36.13 -20.61 -34.36
CA PHE A 493 35.19 -21.44 -33.62
C PHE A 493 35.68 -22.88 -33.65
N ALA A 494 36.08 -23.33 -34.83
CA ALA A 494 36.58 -24.69 -34.97
C ALA A 494 37.79 -24.91 -34.06
N ASP A 495 38.58 -23.85 -33.84
CA ASP A 495 39.76 -23.95 -32.98
C ASP A 495 39.37 -24.34 -31.57
N ARG A 496 38.22 -23.87 -31.12
CA ARG A 496 37.77 -24.17 -29.77
C ARG A 496 36.61 -25.16 -29.72
N HIS A 497 36.39 -25.87 -30.82
CA HIS A 497 35.33 -26.87 -30.92
C HIS A 497 33.93 -26.30 -30.69
N VAL A 498 33.86 -24.97 -30.70
CA VAL A 498 32.58 -24.31 -30.49
C VAL A 498 31.73 -24.56 -31.73
N PRO A 499 30.65 -25.33 -31.58
CA PRO A 499 29.80 -25.60 -32.75
C PRO A 499 29.32 -24.32 -33.40
N LEU A 500 29.40 -24.25 -34.72
CA LEU A 500 28.94 -23.07 -35.44
C LEU A 500 28.47 -23.38 -36.85
N GLU A 501 27.40 -22.69 -37.25
CA GLU A 501 26.82 -22.81 -38.58
C GLU A 501 26.88 -21.41 -39.19
N THR A 502 27.10 -21.32 -40.48
CA THR A 502 27.16 -20.02 -41.14
C THR A 502 26.14 -20.01 -42.26
N VAL A 503 25.31 -18.98 -42.30
CA VAL A 503 24.30 -18.86 -43.33
C VAL A 503 24.43 -17.55 -44.04
N THR A 504 24.27 -17.58 -45.36
CA THR A 504 24.37 -16.38 -46.16
C THR A 504 22.98 -16.04 -46.63
N CYS A 505 22.53 -14.85 -46.36
CA CYS A 505 21.20 -14.53 -46.74
C CYS A 505 21.28 -13.35 -47.63
N HIS A 506 20.27 -13.18 -48.47
CA HIS A 506 20.29 -12.13 -49.43
C HIS A 506 19.29 -11.07 -49.54
N ALA A 507 17.99 -11.42 -49.48
CA ALA A 507 16.94 -10.42 -49.55
C ALA A 507 17.30 -9.26 -48.62
N PRO A 508 16.89 -8.05 -48.97
CA PRO A 508 17.29 -6.90 -48.15
C PRO A 508 16.43 -6.58 -46.95
N GLU A 509 15.15 -6.73 -47.10
CA GLU A 509 14.24 -6.61 -45.96
C GLU A 509 14.82 -7.21 -44.67
N ILE A 510 15.31 -8.45 -44.74
CA ILE A 510 15.90 -9.07 -43.55
C ILE A 510 17.20 -8.34 -43.25
N HIS A 511 18.02 -8.14 -44.29
CA HIS A 511 19.29 -7.44 -44.14
C HIS A 511 19.08 -6.10 -43.45
N ALA A 512 17.97 -5.45 -43.80
CA ALA A 512 17.61 -4.17 -43.23
C ALA A 512 17.25 -4.36 -41.76
N LEU A 513 16.25 -5.22 -41.52
CA LEU A 513 15.79 -5.53 -40.17
C LEU A 513 16.93 -5.79 -39.20
N TYR A 514 17.91 -6.58 -39.62
CA TYR A 514 19.06 -6.91 -38.78
C TYR A 514 20.19 -5.89 -38.82
N GLU A 515 20.10 -4.94 -39.75
CA GLU A 515 21.00 -3.77 -39.80
C GLU A 515 22.46 -3.94 -40.26
N ARG A 516 23.17 -4.89 -39.67
CA ARG A 516 24.63 -4.96 -39.70
C ARG A 516 24.73 -5.98 -40.84
N ALA A 517 25.95 -6.18 -41.31
CA ALA A 517 26.22 -7.11 -42.40
C ALA A 517 26.47 -8.50 -41.83
N HIS A 518 27.02 -8.56 -40.62
CA HIS A 518 27.33 -9.82 -39.95
C HIS A 518 26.77 -9.88 -38.54
N VAL A 519 25.75 -10.73 -38.36
CA VAL A 519 25.11 -10.92 -37.07
C VAL A 519 25.39 -12.31 -36.51
N LEU A 520 25.84 -12.38 -35.26
CA LEU A 520 26.13 -13.65 -34.62
C LEU A 520 25.04 -13.98 -33.58
N VAL A 521 24.42 -15.15 -33.72
CA VAL A 521 23.38 -15.58 -32.81
C VAL A 521 23.79 -16.79 -31.96
N ARG A 522 23.50 -16.72 -30.66
CA ARG A 522 23.84 -17.78 -29.72
C ARG A 522 22.87 -18.95 -29.87
N PRO A 523 23.18 -20.10 -29.24
CA PRO A 523 22.30 -21.26 -29.35
C PRO A 523 20.88 -20.99 -28.89
N ASP A 524 20.68 -19.92 -28.12
CA ASP A 524 19.35 -19.61 -27.62
C ASP A 524 18.58 -18.63 -28.51
N GLY A 525 19.25 -18.14 -29.56
CA GLY A 525 18.61 -17.23 -30.49
C GLY A 525 18.69 -15.76 -30.14
N HIS A 526 19.64 -15.39 -29.29
CA HIS A 526 19.82 -14.00 -28.90
C HIS A 526 21.09 -13.53 -29.59
N VAL A 527 21.12 -12.28 -30.00
CA VAL A 527 22.29 -11.74 -30.67
C VAL A 527 23.47 -11.66 -29.71
N ALA A 528 24.65 -12.05 -30.19
CA ALA A 528 25.83 -12.02 -29.35
C ALA A 528 26.79 -10.95 -29.86
N TRP A 529 26.65 -10.59 -31.12
CA TRP A 529 27.54 -9.60 -31.72
C TRP A 529 27.08 -9.31 -33.12
N ARG A 530 27.39 -8.11 -33.59
CA ARG A 530 27.03 -7.72 -34.94
C ARG A 530 27.88 -6.54 -35.40
N GLY A 531 28.05 -6.44 -36.72
CA GLY A 531 28.84 -5.37 -37.30
C GLY A 531 29.07 -5.64 -38.76
N ASP A 532 29.42 -4.61 -39.53
CA ASP A 532 29.65 -4.78 -40.95
C ASP A 532 31.03 -5.36 -41.24
N HIS A 533 31.83 -5.56 -40.19
CA HIS A 533 33.16 -6.13 -40.36
C HIS A 533 33.56 -6.98 -39.14
N LEU A 534 34.06 -8.19 -39.36
CA LEU A 534 34.48 -9.05 -38.26
C LEU A 534 35.74 -8.48 -37.64
N PRO A 535 35.82 -8.41 -36.31
CA PRO A 535 36.97 -7.88 -35.59
C PRO A 535 38.20 -8.79 -35.73
N ALA A 536 39.40 -8.19 -35.74
CA ALA A 536 40.65 -8.92 -35.88
C ALA A 536 41.01 -10.21 -35.15
N GLU A 537 41.08 -10.16 -33.83
CA GLU A 537 41.43 -11.35 -33.05
C GLU A 537 40.06 -11.97 -32.76
N LEU A 538 39.76 -13.05 -33.47
CA LEU A 538 38.50 -13.75 -33.29
C LEU A 538 38.55 -14.57 -32.01
N GLY A 539 39.71 -15.11 -31.70
CA GLY A 539 39.86 -15.90 -30.49
C GLY A 539 39.38 -15.16 -29.26
N GLY A 540 39.64 -13.86 -29.21
CA GLY A 540 39.19 -13.07 -28.08
C GLY A 540 37.67 -13.04 -28.08
N LEU A 541 37.08 -13.12 -29.27
CA LEU A 541 35.64 -13.10 -29.42
C LEU A 541 35.03 -14.45 -29.01
N VAL A 542 35.41 -15.51 -29.72
CA VAL A 542 34.91 -16.85 -29.42
C VAL A 542 35.00 -17.11 -27.93
N ASP A 543 36.14 -16.77 -27.33
CA ASP A 543 36.34 -16.98 -25.90
C ASP A 543 35.36 -16.17 -25.07
N LYS A 544 35.04 -14.96 -25.53
CA LYS A 544 34.12 -14.11 -24.77
C LYS A 544 32.70 -14.65 -24.76
N VAL A 545 32.21 -15.08 -25.93
CA VAL A 545 30.85 -15.58 -26.07
C VAL A 545 30.60 -16.95 -25.45
N ARG A 546 31.62 -17.80 -25.41
CA ARG A 546 31.47 -19.12 -24.83
C ARG A 546 31.68 -19.01 -23.32
N GLY A 547 31.98 -17.78 -22.88
CA GLY A 547 32.19 -17.51 -21.47
C GLY A 547 33.50 -18.00 -20.88
N ALA A 548 34.59 -17.83 -21.63
CA ALA A 548 35.91 -18.26 -21.18
C ALA A 548 36.76 -17.07 -20.77
N ALA A 549 36.86 -16.09 -21.66
CA ALA A 549 37.65 -14.90 -21.39
C ALA A 549 36.98 -13.65 -21.97
N ASN B 22 18.78 8.21 -3.86
CA ASN B 22 19.20 7.08 -4.66
C ASN B 22 19.45 5.83 -3.81
N ALA B 23 19.45 6.01 -2.49
CA ALA B 23 19.65 4.90 -1.57
C ALA B 23 18.57 4.94 -0.50
N PRO B 24 17.91 3.83 -0.22
CA PRO B 24 16.79 3.96 0.73
C PRO B 24 17.07 4.62 2.05
N ILE B 25 15.99 5.06 2.68
CA ILE B 25 16.02 5.78 3.93
C ILE B 25 15.08 5.11 4.90
N GLU B 26 15.65 4.44 5.88
CA GLU B 26 14.88 3.73 6.92
C GLU B 26 14.29 4.66 7.96
N THR B 27 13.19 4.23 8.57
CA THR B 27 12.51 4.98 9.60
C THR B 27 11.40 4.11 10.13
N ASP B 28 11.13 4.18 11.42
CA ASP B 28 10.06 3.40 12.04
C ASP B 28 8.69 3.93 11.69
N VAL B 29 8.54 5.25 11.64
CA VAL B 29 7.25 5.82 11.29
C VAL B 29 7.37 6.98 10.34
N LEU B 30 6.52 6.98 9.32
CA LEU B 30 6.51 8.05 8.34
C LEU B 30 5.22 8.85 8.52
N ILE B 31 5.38 10.13 8.87
CA ILE B 31 4.23 11.01 9.08
C ILE B 31 4.01 11.92 7.87
N LEU B 32 2.91 11.68 7.18
CA LEU B 32 2.53 12.46 6.00
C LEU B 32 1.62 13.56 6.48
N GLY B 33 2.18 14.75 6.71
CA GLY B 33 1.39 15.86 7.18
C GLY B 33 2.17 16.58 8.27
N GLY B 34 2.45 17.87 8.06
CA GLY B 34 3.22 18.63 9.04
C GLY B 34 2.46 19.66 9.85
N GLY B 35 1.14 19.51 9.90
CA GLY B 35 0.29 20.43 10.63
C GLY B 35 0.36 20.14 12.11
N PRO B 36 -0.48 20.78 12.93
CA PRO B 36 -0.50 20.57 14.37
C PRO B 36 -0.57 19.11 14.79
N VAL B 37 -1.41 18.33 14.11
CA VAL B 37 -1.57 16.94 14.49
C VAL B 37 -0.39 16.05 14.08
N GLY B 38 0.16 16.29 12.90
CA GLY B 38 1.29 15.50 12.46
C GLY B 38 2.48 15.82 13.36
N MET B 39 2.62 17.09 13.71
CA MET B 39 3.71 17.51 14.56
C MET B 39 3.55 16.95 15.97
N ALA B 40 2.32 16.97 16.48
CA ALA B 40 2.05 16.44 17.81
C ALA B 40 2.55 15.00 17.89
N LEU B 41 2.17 14.21 16.89
CA LEU B 41 2.57 12.83 16.83
C LEU B 41 4.10 12.71 16.78
N ALA B 42 4.75 13.60 16.02
CA ALA B 42 6.20 13.59 15.91
C ALA B 42 6.79 13.80 17.30
N LEU B 43 6.22 14.78 18.02
CA LEU B 43 6.69 15.07 19.36
C LEU B 43 6.52 13.88 20.28
N ASP B 44 5.33 13.28 20.31
CA ASP B 44 5.13 12.14 21.19
C ASP B 44 6.12 11.06 20.84
N LEU B 45 6.28 10.80 19.56
CA LEU B 45 7.19 9.76 19.11
C LEU B 45 8.61 10.06 19.55
N ALA B 46 8.98 11.34 19.58
CA ALA B 46 10.31 11.73 20.01
C ALA B 46 10.47 11.38 21.48
N HIS B 47 9.47 11.74 22.29
CA HIS B 47 9.54 11.45 23.70
C HIS B 47 9.57 9.98 23.99
N ARG B 48 8.91 9.19 23.15
CA ARG B 48 8.91 7.75 23.35
C ARG B 48 10.12 7.10 22.70
N GLN B 49 10.95 7.91 22.07
CA GLN B 49 12.17 7.46 21.40
C GLN B 49 11.97 6.56 20.17
N VAL B 50 10.96 6.88 19.36
CA VAL B 50 10.68 6.09 18.17
C VAL B 50 11.14 6.91 16.94
N GLY B 51 11.92 6.27 16.08
CA GLY B 51 12.41 6.96 14.90
C GLY B 51 11.24 7.31 14.01
N HIS B 52 11.20 8.56 13.57
CA HIS B 52 10.10 9.00 12.71
C HIS B 52 10.62 10.00 11.70
N LEU B 53 9.75 10.42 10.79
CA LEU B 53 10.08 11.37 9.74
C LEU B 53 8.77 12.06 9.39
N VAL B 54 8.80 13.36 9.21
CA VAL B 54 7.58 14.08 8.87
C VAL B 54 7.73 14.78 7.53
N VAL B 55 7.03 14.30 6.53
CA VAL B 55 7.02 14.92 5.25
C VAL B 55 5.80 15.81 5.18
N ASP B 56 6.04 17.08 4.95
CA ASP B 56 5.01 18.04 4.87
C ASP B 56 5.13 18.55 3.50
N ALA B 57 4.02 18.90 2.88
CA ALA B 57 4.10 19.50 1.57
C ALA B 57 4.60 20.92 1.65
N THR B 61 0.88 29.35 8.53
CA THR B 61 0.70 28.11 7.77
C THR B 61 -0.41 27.25 8.37
N ILE B 62 -1.58 27.29 7.75
CA ILE B 62 -2.72 26.52 8.21
C ILE B 62 -3.52 26.02 7.03
N THR B 63 -4.53 25.23 7.33
CA THR B 63 -5.39 24.65 6.31
C THR B 63 -6.85 24.91 6.65
N HIS B 64 -7.46 26.00 6.18
CA HIS B 64 -8.89 26.16 6.44
C HIS B 64 -9.24 26.92 7.70
N PRO B 65 -10.23 26.43 8.45
CA PRO B 65 -10.69 27.13 9.66
C PRO B 65 -9.53 27.67 10.48
N LYS B 66 -9.67 28.86 11.07
CA LYS B 66 -8.59 29.40 11.83
C LYS B 66 -8.51 28.61 13.07
N VAL B 67 -7.51 27.81 13.19
CA VAL B 67 -7.33 27.11 14.45
C VAL B 67 -6.55 28.09 15.32
N SER B 68 -7.08 28.43 16.49
CA SER B 68 -6.41 29.40 17.34
C SER B 68 -6.32 29.09 18.84
N THR B 69 -7.32 28.40 19.38
CA THR B 69 -7.31 28.07 20.80
C THR B 69 -6.82 26.65 21.03
N ILE B 70 -5.90 26.47 21.96
CA ILE B 70 -5.43 25.13 22.26
C ILE B 70 -6.16 24.77 23.53
N GLY B 71 -6.93 23.69 23.47
CA GLY B 71 -7.73 23.25 24.61
C GLY B 71 -6.88 22.84 25.78
N PRO B 72 -7.46 22.77 26.99
CA PRO B 72 -6.62 22.37 28.12
C PRO B 72 -6.04 20.97 28.02
N ARG B 73 -6.76 20.02 27.44
CA ARG B 73 -6.22 18.68 27.33
C ARG B 73 -5.05 18.71 26.34
N SER B 74 -5.17 19.50 25.27
CA SER B 74 -4.08 19.59 24.30
C SER B 74 -2.89 20.27 24.95
N MET B 75 -3.18 21.16 25.89
CA MET B 75 -2.15 21.88 26.61
C MET B 75 -1.43 20.95 27.60
N GLU B 76 -2.16 19.95 28.12
CA GLU B 76 -1.56 19.01 29.05
C GLU B 76 -0.62 18.11 28.25
N LEU B 77 -0.99 17.84 27.01
CA LEU B 77 -0.17 17.01 26.15
C LEU B 77 1.12 17.78 25.79
N PHE B 78 0.98 19.06 25.45
CA PHE B 78 2.13 19.87 25.11
C PHE B 78 3.00 20.12 26.34
N ARG B 79 2.43 19.94 27.52
CA ARG B 79 3.19 20.11 28.75
C ARG B 79 4.03 18.83 28.91
N ARG B 80 3.43 17.71 28.53
CA ARG B 80 4.07 16.42 28.59
C ARG B 80 5.29 16.43 27.68
N TRP B 81 5.13 17.05 26.52
CA TRP B 81 6.20 17.11 25.53
C TRP B 81 7.07 18.35 25.68
N GLY B 82 6.99 18.98 26.84
CA GLY B 82 7.77 20.18 27.10
C GLY B 82 7.70 21.32 26.11
N VAL B 83 6.51 21.79 25.77
CA VAL B 83 6.42 22.90 24.84
C VAL B 83 5.28 23.83 25.17
N ALA B 84 4.58 23.54 26.26
CA ALA B 84 3.45 24.35 26.67
C ALA B 84 3.91 25.71 27.16
N LYS B 85 5.13 25.77 27.65
CA LYS B 85 5.69 27.01 28.15
C LYS B 85 5.89 27.94 26.95
N GLN B 86 6.56 27.44 25.92
CA GLN B 86 6.80 28.24 24.73
C GLN B 86 5.49 28.78 24.17
N ILE B 87 4.50 27.91 24.06
CA ILE B 87 3.20 28.28 23.54
C ILE B 87 2.54 29.44 24.27
N ARG B 88 2.46 29.37 25.60
CA ARG B 88 1.83 30.43 26.37
C ARG B 88 2.54 31.78 26.29
N THR B 89 3.81 31.76 25.90
CA THR B 89 4.59 33.00 25.80
C THR B 89 4.90 33.34 24.35
N ALA B 90 4.27 32.64 23.42
CA ALA B 90 4.53 32.88 22.01
C ALA B 90 4.12 34.23 21.48
N GLY B 91 3.37 35.01 22.26
CA GLY B 91 2.94 36.31 21.77
C GLY B 91 1.59 36.82 22.26
N TRP B 92 0.65 35.93 22.52
CA TRP B 92 -0.64 36.38 22.99
C TRP B 92 -0.52 37.24 24.25
N PRO B 93 -0.89 38.53 24.15
CA PRO B 93 -0.84 39.48 25.25
C PRO B 93 -1.56 38.92 26.47
N GLY B 94 -1.00 39.14 27.66
CA GLY B 94 -1.61 38.62 28.86
C GLY B 94 -2.77 39.47 29.36
N ASP B 95 -2.91 40.66 28.78
CA ASP B 95 -3.94 41.59 29.21
C ASP B 95 -5.12 41.68 28.27
N HIS B 96 -5.09 40.92 27.19
CA HIS B 96 -6.21 40.94 26.24
C HIS B 96 -7.38 40.19 26.86
N PRO B 97 -8.61 40.69 26.69
CA PRO B 97 -9.73 39.96 27.28
C PRO B 97 -9.92 38.64 26.54
N LEU B 98 -10.20 37.58 27.29
CA LEU B 98 -10.43 36.28 26.68
C LEU B 98 -11.94 36.11 26.46
N ASP B 99 -12.68 37.21 26.63
CA ASP B 99 -14.14 37.22 26.49
C ASP B 99 -14.72 36.85 25.16
N ALA B 100 -15.97 36.42 25.20
CA ALA B 100 -16.73 36.06 24.03
C ALA B 100 -18.00 36.93 24.11
N ALA B 101 -18.19 37.80 23.12
CA ALA B 101 -19.35 38.68 23.14
C ALA B 101 -20.22 38.57 21.93
N TRP B 102 -21.52 38.80 22.16
CA TRP B 102 -22.51 38.77 21.09
C TRP B 102 -22.86 40.22 20.84
N VAL B 103 -22.70 40.66 19.60
CA VAL B 103 -22.95 42.04 19.27
C VAL B 103 -23.58 42.16 17.90
N THR B 104 -24.13 43.33 17.61
CA THR B 104 -24.75 43.58 16.32
C THR B 104 -23.62 43.91 15.36
N ARG B 105 -22.65 44.69 15.84
CA ARG B 105 -21.49 45.10 15.07
C ARG B 105 -20.37 45.25 16.08
N VAL B 106 -19.14 44.94 15.69
CA VAL B 106 -18.05 45.12 16.62
C VAL B 106 -18.01 46.62 16.76
N GLY B 107 -18.21 47.11 17.98
CA GLY B 107 -18.21 48.55 18.22
C GLY B 107 -19.63 49.10 18.16
N GLY B 108 -20.61 48.23 17.89
CA GLY B 108 -22.00 48.65 17.84
C GLY B 108 -22.70 48.26 19.13
N HIS B 109 -23.96 47.85 19.05
CA HIS B 109 -24.70 47.45 20.24
C HIS B 109 -24.31 46.06 20.71
N GLU B 110 -24.09 45.92 22.01
CA GLU B 110 -23.72 44.64 22.63
C GLU B 110 -24.93 43.93 23.23
N VAL B 111 -25.05 42.64 22.92
CA VAL B 111 -26.18 41.88 23.39
C VAL B 111 -25.88 41.00 24.60
N TYR B 112 -24.86 40.17 24.51
CA TYR B 112 -24.53 39.28 25.62
C TYR B 112 -23.01 39.19 25.76
N ARG B 113 -22.54 38.85 26.95
CA ARG B 113 -21.11 38.76 27.14
C ARG B 113 -20.71 37.76 28.20
N ILE B 114 -19.81 36.87 27.82
CA ILE B 114 -19.30 35.86 28.75
C ILE B 114 -17.94 36.38 29.21
N PRO B 115 -17.87 36.89 30.45
CA PRO B 115 -16.56 37.39 30.88
C PRO B 115 -15.62 36.22 31.18
N LEU B 116 -14.44 36.23 30.57
CA LEU B 116 -13.48 35.15 30.79
C LEU B 116 -12.13 35.65 31.29
N GLY B 117 -12.06 36.93 31.64
CA GLY B 117 -10.82 37.51 32.15
C GLY B 117 -9.68 37.63 31.16
N THR B 118 -8.46 37.58 31.65
CA THR B 118 -7.28 37.67 30.79
C THR B 118 -6.27 36.60 31.17
N ALA B 119 -5.43 36.18 30.22
CA ALA B 119 -4.43 35.15 30.49
C ALA B 119 -3.70 35.51 31.79
N ASP B 120 -3.42 36.79 31.98
CA ASP B 120 -2.71 37.27 33.16
C ASP B 120 -3.51 37.36 34.46
N THR B 121 -4.84 37.32 34.42
CA THR B 121 -5.56 37.45 35.68
C THR B 121 -6.66 36.43 35.97
N ARG B 122 -6.94 35.54 35.04
CA ARG B 122 -7.98 34.55 35.27
C ARG B 122 -7.49 33.56 36.31
N ALA B 123 -8.43 33.00 37.07
CA ALA B 123 -8.11 32.04 38.12
C ALA B 123 -7.55 30.73 37.55
N THR B 124 -6.52 30.21 38.20
CA THR B 124 -5.91 28.95 37.79
C THR B 124 -7.00 27.89 37.93
N PRO B 125 -7.14 26.99 36.94
CA PRO B 125 -8.16 25.95 37.01
C PRO B 125 -7.98 24.97 38.15
N GLU B 126 -9.06 24.28 38.51
CA GLU B 126 -8.99 23.31 39.59
C GLU B 126 -8.90 21.89 39.03
N HIS B 127 -9.41 21.71 37.82
CA HIS B 127 -9.44 20.41 37.17
C HIS B 127 -8.21 20.10 36.29
N THR B 128 -7.41 21.10 36.00
CA THR B 128 -6.24 20.89 35.18
C THR B 128 -5.11 21.81 35.53
N PRO B 129 -3.90 21.40 35.21
CA PRO B 129 -2.76 22.26 35.52
C PRO B 129 -2.49 23.14 34.30
N GLU B 130 -3.25 22.91 33.22
CA GLU B 130 -3.08 23.69 32.00
C GLU B 130 -4.35 24.33 31.45
N PRO B 131 -4.60 25.61 31.79
CA PRO B 131 -5.81 26.21 31.23
C PRO B 131 -5.55 26.28 29.73
N ASP B 132 -6.54 26.60 28.90
CA ASP B 132 -6.27 26.64 27.47
C ASP B 132 -5.30 27.77 27.13
N ALA B 133 -4.98 27.94 25.86
CA ALA B 133 -4.04 28.97 25.46
C ALA B 133 -4.29 29.41 24.04
N ILE B 134 -3.98 30.67 23.75
CA ILE B 134 -4.15 31.18 22.40
C ILE B 134 -2.82 31.09 21.69
N CYS B 135 -2.82 30.48 20.52
CA CYS B 135 -1.60 30.38 19.75
C CYS B 135 -1.99 30.16 18.31
N PRO B 136 -2.16 31.26 17.55
CA PRO B 136 -2.52 31.18 16.14
C PRO B 136 -1.48 30.42 15.33
N ALA B 137 -1.86 29.96 14.14
CA ALA B 137 -0.97 29.17 13.28
C ALA B 137 0.41 29.79 13.09
N HIS B 138 0.45 31.05 12.69
CA HIS B 138 1.73 31.72 12.43
C HIS B 138 2.72 31.72 13.60
N TRP B 139 2.25 31.48 14.83
CA TRP B 139 3.16 31.41 15.98
C TRP B 139 3.42 29.96 16.36
N LEU B 140 2.38 29.15 16.33
CA LEU B 140 2.46 27.75 16.71
C LEU B 140 3.24 26.84 15.78
N ALA B 141 3.12 27.05 14.47
CA ALA B 141 3.82 26.21 13.52
C ALA B 141 5.34 26.26 13.73
N PRO B 142 5.92 27.48 13.86
CA PRO B 142 7.37 27.58 14.06
C PRO B 142 7.78 26.86 15.35
N LEU B 143 6.96 27.01 16.38
CA LEU B 143 7.25 26.38 17.66
C LEU B 143 7.44 24.89 17.49
N LEU B 144 6.48 24.24 16.85
CA LEU B 144 6.57 22.80 16.68
C LEU B 144 7.61 22.40 15.68
N ALA B 145 7.82 23.23 14.67
CA ALA B 145 8.83 22.91 13.67
C ALA B 145 10.17 22.90 14.38
N GLU B 146 10.34 23.82 15.34
CA GLU B 146 11.58 23.91 16.06
C GLU B 146 11.74 22.68 16.96
N ALA B 147 10.67 22.28 17.63
CA ALA B 147 10.73 21.13 18.52
C ALA B 147 10.98 19.84 17.75
N VAL B 148 10.26 19.64 16.64
CA VAL B 148 10.43 18.44 15.85
C VAL B 148 11.84 18.38 15.27
N GLY B 149 12.38 19.55 14.94
CA GLY B 149 13.71 19.62 14.41
C GLY B 149 13.88 19.08 13.00
N GLU B 150 15.11 18.65 12.71
CA GLU B 150 15.51 18.10 11.42
C GLU B 150 14.68 16.92 10.94
N ARG B 151 13.99 16.25 11.86
CA ARG B 151 13.16 15.11 11.50
C ARG B 151 12.12 15.51 10.47
N LEU B 152 11.81 16.81 10.39
CA LEU B 152 10.86 17.32 9.42
C LEU B 152 11.39 17.66 8.03
N ARG B 153 10.61 17.36 7.01
CA ARG B 153 11.03 17.65 5.65
C ARG B 153 10.02 18.59 5.01
N THR B 154 10.37 19.88 4.97
CA THR B 154 9.52 20.88 4.36
C THR B 154 9.70 20.78 2.86
N ARG B 155 8.66 21.13 2.11
CA ARG B 155 8.70 21.08 0.65
C ARG B 155 8.86 19.66 0.13
N SER B 156 8.30 18.70 0.87
CA SER B 156 8.34 17.30 0.46
C SER B 156 6.93 16.84 0.14
N ARG B 157 6.79 15.95 -0.83
CA ARG B 157 5.49 15.46 -1.24
C ARG B 157 5.50 13.94 -1.44
N LEU B 158 4.51 13.25 -0.90
CA LEU B 158 4.43 11.80 -1.06
C LEU B 158 3.82 11.58 -2.44
N ASP B 159 4.50 10.81 -3.28
CA ASP B 159 4.01 10.54 -4.64
C ASP B 159 3.12 9.31 -4.70
N SER B 160 3.48 8.29 -3.93
CA SER B 160 2.73 7.05 -3.86
C SER B 160 3.36 6.21 -2.76
N PHE B 161 2.60 5.25 -2.24
CA PHE B 161 3.13 4.35 -1.23
C PHE B 161 2.63 2.95 -1.53
N GLU B 162 3.37 1.95 -1.08
CA GLU B 162 3.00 0.57 -1.30
C GLU B 162 3.30 -0.24 -0.05
N GLN B 163 2.29 -0.89 0.48
CA GLN B 163 2.50 -1.70 1.66
C GLN B 163 3.13 -3.04 1.35
N ARG B 164 4.21 -3.34 2.04
CA ARG B 164 4.89 -4.61 1.85
C ARG B 164 4.33 -5.55 2.91
N ASP B 165 5.05 -6.61 3.24
CA ASP B 165 4.56 -7.52 4.25
C ASP B 165 4.93 -7.03 5.64
N ASP B 166 6.11 -6.42 5.75
CA ASP B 166 6.61 -5.94 7.02
C ASP B 166 6.88 -4.45 7.07
N HIS B 167 6.60 -3.74 5.99
CA HIS B 167 6.84 -2.30 5.97
C HIS B 167 6.07 -1.62 4.86
N VAL B 168 6.28 -0.33 4.74
CA VAL B 168 5.62 0.45 3.71
C VAL B 168 6.73 1.18 2.96
N ARG B 169 6.62 1.21 1.65
CA ARG B 169 7.61 1.89 0.82
C ARG B 169 6.90 3.09 0.20
N ALA B 170 7.59 4.22 0.17
CA ALA B 170 6.98 5.40 -0.41
C ALA B 170 8.04 6.23 -1.11
N THR B 171 7.59 7.02 -2.08
CA THR B 171 8.49 7.87 -2.82
C THR B 171 8.21 9.32 -2.49
N ILE B 172 9.23 10.00 -1.98
CA ILE B 172 9.12 11.40 -1.61
C ILE B 172 9.88 12.35 -2.53
N THR B 173 9.12 13.16 -3.25
CA THR B 173 9.64 14.16 -4.18
C THR B 173 9.91 15.49 -3.49
N ASP B 174 11.16 15.95 -3.51
CA ASP B 174 11.52 17.23 -2.90
C ASP B 174 10.97 18.34 -3.78
N LEU B 175 9.75 18.78 -3.48
CA LEU B 175 9.05 19.82 -4.23
C LEU B 175 9.82 21.13 -4.46
N ARG B 176 10.86 21.39 -3.66
CA ARG B 176 11.61 22.63 -3.82
C ARG B 176 12.75 22.54 -4.82
N THR B 177 13.04 21.34 -5.31
CA THR B 177 14.10 21.17 -6.30
C THR B 177 13.66 20.20 -7.39
N GLY B 178 13.30 18.99 -6.97
CA GLY B 178 12.87 17.96 -7.90
C GLY B 178 13.48 16.64 -7.48
N ALA B 179 14.51 16.72 -6.63
CA ALA B 179 15.20 15.54 -6.12
C ALA B 179 14.24 14.66 -5.33
N THR B 180 14.16 13.37 -5.66
CA THR B 180 13.25 12.47 -4.96
C THR B 180 13.95 11.24 -4.41
N ARG B 181 13.31 10.59 -3.44
CA ARG B 181 13.87 9.38 -2.85
C ARG B 181 12.82 8.50 -2.17
N ALA B 182 13.17 7.23 -1.96
CA ALA B 182 12.27 6.26 -1.36
C ALA B 182 12.50 6.07 0.13
N VAL B 183 11.40 5.90 0.86
CA VAL B 183 11.44 5.71 2.30
C VAL B 183 10.92 4.34 2.76
N HIS B 184 11.69 3.65 3.60
CA HIS B 184 11.28 2.36 4.17
C HIS B 184 10.70 2.77 5.52
N ALA B 185 9.46 2.43 5.79
CA ALA B 185 8.88 2.81 7.08
C ALA B 185 8.10 1.62 7.61
N ARG B 186 8.28 1.32 8.89
CA ARG B 186 7.56 0.21 9.47
C ARG B 186 6.08 0.55 9.48
N TYR B 187 5.78 1.81 9.71
CA TYR B 187 4.40 2.25 9.72
C TYR B 187 4.28 3.60 9.03
N LEU B 188 3.12 3.86 8.45
CA LEU B 188 2.86 5.12 7.79
C LEU B 188 1.60 5.74 8.39
N VAL B 189 1.71 6.95 8.91
CA VAL B 189 0.58 7.64 9.49
C VAL B 189 0.25 8.87 8.65
N ALA B 190 -0.99 8.99 8.21
CA ALA B 190 -1.41 10.12 7.38
C ALA B 190 -2.24 11.20 8.08
N CYS B 191 -1.74 12.42 8.09
CA CYS B 191 -2.44 13.56 8.65
C CYS B 191 -2.51 14.47 7.44
N ASP B 192 -3.01 13.93 6.33
CA ASP B 192 -3.07 14.69 5.10
C ASP B 192 -4.34 15.47 4.78
N GLY B 193 -5.13 15.78 5.81
CA GLY B 193 -6.32 16.58 5.58
C GLY B 193 -7.68 15.95 5.56
N ALA B 194 -8.70 16.79 5.45
CA ALA B 194 -10.09 16.35 5.42
C ALA B 194 -10.41 15.69 4.10
N SER B 195 -9.58 15.98 3.09
CA SER B 195 -9.75 15.40 1.77
C SER B 195 -8.47 14.58 1.61
N SER B 196 -8.20 13.78 2.64
CA SER B 196 -7.02 12.93 2.71
C SER B 196 -6.85 11.98 1.53
N PRO B 197 -5.97 12.31 0.59
CA PRO B 197 -5.75 11.43 -0.56
C PRO B 197 -5.42 10.00 -0.12
N THR B 198 -4.69 9.87 0.99
CA THR B 198 -4.33 8.56 1.54
C THR B 198 -5.57 7.73 1.88
N ARG B 199 -6.60 8.39 2.38
CA ARG B 199 -7.82 7.69 2.76
C ARG B 199 -8.54 7.16 1.52
N LYS B 200 -8.56 7.96 0.46
CA LYS B 200 -9.23 7.50 -0.75
C LYS B 200 -8.41 6.36 -1.35
N ALA B 201 -7.11 6.56 -1.45
CA ALA B 201 -6.22 5.53 -1.99
C ALA B 201 -6.50 4.19 -1.32
N LEU B 202 -6.74 4.21 -0.02
CA LEU B 202 -7.01 2.96 0.70
C LEU B 202 -8.42 2.45 0.45
N GLY B 203 -9.26 3.26 -0.18
CA GLY B 203 -10.62 2.85 -0.45
C GLY B 203 -11.55 3.06 0.74
N ILE B 204 -11.13 3.90 1.69
CA ILE B 204 -11.95 4.19 2.86
C ILE B 204 -12.81 5.43 2.63
N ASP B 205 -14.05 5.41 3.12
CA ASP B 205 -14.95 6.54 2.95
C ASP B 205 -15.26 7.17 4.32
N ALA B 206 -15.58 8.46 4.29
CA ALA B 206 -15.92 9.20 5.51
C ALA B 206 -17.17 10.01 5.18
N PRO B 207 -18.32 9.34 5.07
CA PRO B 207 -19.60 10.00 4.75
C PRO B 207 -19.97 11.16 5.66
N PRO B 208 -20.60 12.18 5.10
CA PRO B 208 -21.05 13.39 5.80
C PRO B 208 -22.06 13.02 6.89
N ARG B 209 -21.79 13.36 8.13
CA ARG B 209 -22.68 13.05 9.25
C ARG B 209 -23.72 14.15 9.40
N HIS B 210 -23.39 15.32 8.87
CA HIS B 210 -24.28 16.47 8.92
C HIS B 210 -24.05 17.24 7.68
N ARG B 211 -24.91 18.22 7.45
CA ARG B 211 -24.82 19.02 6.25
C ARG B 211 -23.66 20.00 6.19
N THR B 212 -22.98 19.96 5.05
CA THR B 212 -21.82 20.77 4.77
C THR B 212 -22.21 22.20 4.46
N GLN B 213 -21.52 23.16 5.09
CA GLN B 213 -21.80 24.56 4.84
C GLN B 213 -20.54 25.23 4.30
N VAL B 214 -20.72 26.28 3.54
CA VAL B 214 -19.59 26.98 2.92
C VAL B 214 -19.38 28.35 3.55
N PHE B 215 -18.18 28.58 4.08
CA PHE B 215 -17.88 29.87 4.69
C PHE B 215 -16.68 30.53 4.04
N ARG B 216 -16.45 31.79 4.44
CA ARG B 216 -15.34 32.57 3.94
C ARG B 216 -14.55 33.09 5.14
N ASN B 217 -13.24 33.05 5.02
CA ASN B 217 -12.36 33.53 6.06
C ASN B 217 -11.67 34.78 5.55
N ILE B 218 -12.08 35.94 6.06
CA ILE B 218 -11.47 37.19 5.67
C ILE B 218 -10.50 37.59 6.77
N LEU B 219 -9.21 37.40 6.52
CA LEU B 219 -8.21 37.77 7.49
C LEU B 219 -7.87 39.22 7.21
N PHE B 220 -7.87 40.06 8.25
CA PHE B 220 -7.54 41.46 8.06
C PHE B 220 -6.71 42.02 9.23
N ARG B 221 -6.09 43.18 9.02
CA ARG B 221 -5.30 43.82 10.07
C ARG B 221 -5.94 45.14 10.42
N ALA B 222 -6.09 45.40 11.72
CA ALA B 222 -6.71 46.60 12.22
C ALA B 222 -5.90 47.04 13.42
N PRO B 223 -4.88 47.86 13.18
CA PRO B 223 -3.97 48.40 14.18
C PRO B 223 -4.62 49.15 15.34
N GLU B 224 -5.62 49.97 15.04
CA GLU B 224 -6.27 50.75 16.08
C GLU B 224 -7.52 50.12 16.67
N LEU B 225 -7.93 48.97 16.15
CA LEU B 225 -9.16 48.36 16.62
C LEU B 225 -9.22 48.10 18.12
N ARG B 226 -8.22 47.40 18.66
CA ARG B 226 -8.19 47.10 20.09
C ARG B 226 -8.29 48.33 20.97
N SER B 227 -7.58 49.39 20.60
CA SER B 227 -7.62 50.62 21.36
C SER B 227 -8.99 51.25 21.30
N LEU B 228 -9.65 51.13 20.17
CA LEU B 228 -10.97 51.71 20.04
C LEU B 228 -11.94 50.93 20.88
N LEU B 229 -11.72 49.62 20.97
CA LEU B 229 -12.60 48.77 21.75
C LEU B 229 -12.37 48.91 23.24
N GLY B 230 -11.11 48.84 23.66
CA GLY B 230 -10.79 48.95 25.07
C GLY B 230 -11.35 47.85 25.93
N GLU B 231 -12.31 48.21 26.79
CA GLU B 231 -12.95 47.27 27.70
C GLU B 231 -13.81 46.28 26.92
N ARG B 232 -14.57 46.81 25.96
CA ARG B 232 -15.45 46.01 25.12
C ARG B 232 -14.67 45.03 24.25
N ALA B 233 -13.34 45.15 24.26
CA ALA B 233 -12.49 44.27 23.48
C ALA B 233 -12.80 42.82 23.87
N ALA B 234 -12.80 41.91 22.90
CA ALA B 234 -13.09 40.51 23.21
C ALA B 234 -12.24 39.57 22.35
N LEU B 235 -12.20 38.29 22.73
CA LEU B 235 -11.43 37.32 21.97
C LEU B 235 -12.22 36.94 20.71
N VAL B 236 -13.53 36.88 20.84
CA VAL B 236 -14.39 36.54 19.72
C VAL B 236 -15.70 37.29 19.77
N PHE B 237 -16.09 37.84 18.64
CA PHE B 237 -17.34 38.55 18.56
C PHE B 237 -18.26 37.72 17.69
N PHE B 238 -19.43 37.37 18.20
CA PHE B 238 -20.37 36.65 17.38
C PHE B 238 -21.24 37.76 16.84
N LEU B 239 -21.31 37.89 15.52
CA LEU B 239 -22.13 38.96 14.93
C LEU B 239 -23.59 38.57 14.87
N MET B 240 -24.45 39.60 14.84
CA MET B 240 -25.90 39.42 14.75
C MET B 240 -26.45 40.45 13.78
N LEU B 241 -25.92 40.45 12.57
CA LEU B 241 -26.32 41.40 11.53
C LEU B 241 -27.23 40.80 10.48
N SER B 242 -26.67 39.86 9.72
CA SER B 242 -27.41 39.22 8.65
C SER B 242 -27.25 37.71 8.67
N SER B 243 -27.91 37.06 7.72
CA SER B 243 -27.84 35.62 7.59
C SER B 243 -26.41 35.20 7.31
N SER B 244 -25.62 36.09 6.75
CA SER B 244 -24.22 35.76 6.45
C SER B 244 -23.24 36.29 7.48
N LEU B 245 -23.63 37.38 8.14
CA LEU B 245 -22.78 37.97 9.16
C LEU B 245 -23.34 37.74 10.55
N ARG B 246 -23.39 36.46 10.94
CA ARG B 246 -23.89 36.08 12.26
C ARG B 246 -22.89 35.07 12.86
N PHE B 247 -21.68 35.10 12.32
CA PHE B 247 -20.59 34.22 12.74
C PHE B 247 -19.49 35.03 13.43
N PRO B 248 -18.50 34.36 14.01
CA PRO B 248 -17.41 35.04 14.71
C PRO B 248 -16.36 35.85 13.96
N LEU B 249 -15.93 36.93 14.62
CA LEU B 249 -14.89 37.81 14.13
C LEU B 249 -13.93 37.66 15.29
N ARG B 250 -12.80 37.01 15.03
CA ARG B 250 -11.86 36.70 16.08
C ARG B 250 -10.57 37.51 16.12
N SER B 251 -10.10 37.74 17.33
CA SER B 251 -8.86 38.47 17.57
C SER B 251 -7.78 37.40 17.54
N LEU B 252 -7.10 37.25 16.41
CA LEU B 252 -6.07 36.23 16.24
C LEU B 252 -4.83 36.32 17.09
N ASP B 253 -4.16 37.47 17.10
CA ASP B 253 -2.95 37.63 17.91
C ASP B 253 -3.08 38.69 19.01
N GLY B 254 -4.19 39.42 19.00
CA GLY B 254 -4.40 40.46 19.99
C GLY B 254 -3.50 41.64 19.72
N ARG B 255 -2.98 41.74 18.50
CA ARG B 255 -2.08 42.82 18.18
C ARG B 255 -2.31 43.42 16.81
N GLY B 256 -3.56 43.38 16.36
CA GLY B 256 -3.89 43.96 15.07
C GLY B 256 -4.51 43.00 14.09
N LEU B 257 -4.24 41.70 14.26
CA LEU B 257 -4.80 40.70 13.37
C LEU B 257 -6.17 40.18 13.84
N TYR B 258 -7.09 40.13 12.89
CA TYR B 258 -8.44 39.65 13.15
C TYR B 258 -8.87 38.73 12.00
N ASN B 259 -9.86 37.88 12.27
CA ASN B 259 -10.37 37.01 11.23
C ASN B 259 -11.87 37.11 11.29
N LEU B 260 -12.49 37.27 10.14
CA LEU B 260 -13.94 37.40 10.04
C LEU B 260 -14.57 36.24 9.27
N VAL B 261 -15.45 35.50 9.92
CA VAL B 261 -16.12 34.39 9.24
C VAL B 261 -17.44 34.89 8.65
N VAL B 262 -17.72 34.53 7.41
CA VAL B 262 -18.97 34.94 6.80
C VAL B 262 -19.59 33.79 6.00
N GLY B 263 -20.90 33.63 6.13
CA GLY B 263 -21.61 32.57 5.43
C GLY B 263 -21.90 32.91 3.99
N VAL B 264 -21.71 31.94 3.10
CA VAL B 264 -21.95 32.14 1.68
C VAL B 264 -23.32 31.60 1.28
N ASP B 265 -23.80 32.02 0.12
CA ASP B 265 -25.09 31.58 -0.39
C ASP B 265 -25.02 31.19 -1.86
N ASP B 266 -24.08 31.79 -2.57
CA ASP B 266 -23.90 31.50 -4.01
C ASP B 266 -25.03 31.94 -4.95
N ASP B 273 -14.99 42.76 -2.39
CA ASP B 273 -16.18 42.62 -1.56
C ASP B 273 -15.80 42.31 -0.10
N SER B 274 -14.57 41.87 0.11
CA SER B 274 -14.09 41.55 1.45
C SER B 274 -14.24 42.77 2.36
N PHE B 275 -13.64 43.87 1.91
CA PHE B 275 -13.64 45.12 2.64
C PHE B 275 -15.04 45.65 2.96
N GLU B 276 -15.95 45.58 2.00
CA GLU B 276 -17.30 46.06 2.30
C GLU B 276 -17.85 45.22 3.46
N LEU B 277 -17.62 43.90 3.40
CA LEU B 277 -18.09 43.01 4.45
C LEU B 277 -17.46 43.36 5.79
N VAL B 278 -16.12 43.38 5.84
CA VAL B 278 -15.44 43.72 7.07
C VAL B 278 -15.89 45.08 7.59
N ARG B 279 -16.16 45.99 6.67
CA ARG B 279 -16.60 47.31 7.08
C ARG B 279 -18.02 47.25 7.62
N ARG B 280 -18.82 46.30 7.13
CA ARG B 280 -20.18 46.17 7.60
C ARG B 280 -20.14 45.58 9.00
N ALA B 281 -19.05 44.89 9.31
CA ALA B 281 -18.90 44.25 10.59
C ALA B 281 -18.38 45.17 11.69
N VAL B 282 -17.46 46.06 11.35
CA VAL B 282 -16.87 46.97 12.31
C VAL B 282 -17.47 48.38 12.23
N ALA B 283 -18.17 48.78 13.29
CA ALA B 283 -18.82 50.08 13.33
C ALA B 283 -17.84 51.23 13.33
N PHE B 284 -16.59 50.96 13.68
CA PHE B 284 -15.58 52.00 13.72
C PHE B 284 -15.06 52.33 12.33
N ASP B 285 -14.88 53.61 12.05
CA ASP B 285 -14.33 54.00 10.78
C ASP B 285 -12.84 54.12 11.05
N THR B 286 -12.18 52.97 11.14
CA THR B 286 -10.74 52.88 11.40
C THR B 286 -10.08 52.20 10.21
N GLU B 287 -8.78 51.95 10.31
CA GLU B 287 -8.04 51.32 9.21
C GLU B 287 -8.30 49.82 9.09
N ILE B 288 -8.37 49.33 7.85
CA ILE B 288 -8.62 47.91 7.62
C ILE B 288 -7.90 47.39 6.37
N GLU B 289 -7.00 46.43 6.56
CA GLU B 289 -6.24 45.86 5.45
C GLU B 289 -6.53 44.38 5.26
N VAL B 290 -7.39 44.05 4.29
CA VAL B 290 -7.71 42.65 4.02
C VAL B 290 -6.48 41.89 3.48
N LEU B 291 -5.88 41.03 4.31
CA LEU B 291 -4.71 40.25 3.90
C LEU B 291 -5.08 38.94 3.21
N SER B 292 -6.35 38.55 3.26
CA SER B 292 -6.75 37.30 2.67
C SER B 292 -8.27 37.10 2.64
N ASP B 293 -8.74 36.34 1.66
CA ASP B 293 -10.17 36.06 1.51
C ASP B 293 -10.37 34.69 0.88
N SER B 294 -10.24 33.61 1.65
CA SER B 294 -10.43 32.28 1.09
C SER B 294 -11.61 31.52 1.70
N GLU B 295 -12.34 30.77 0.89
CA GLU B 295 -13.46 30.02 1.45
C GLU B 295 -13.09 28.59 1.82
N TRP B 296 -13.63 28.12 2.94
CA TRP B 296 -13.38 26.76 3.43
C TRP B 296 -14.71 26.02 3.56
N HIS B 297 -14.61 24.71 3.76
CA HIS B 297 -15.79 23.88 3.87
C HIS B 297 -15.97 23.32 5.29
N LEU B 298 -17.09 23.64 5.92
CA LEU B 298 -17.34 23.10 7.24
C LEU B 298 -17.92 21.72 6.97
N THR B 299 -17.24 20.68 7.40
CA THR B 299 -17.75 19.33 7.17
C THR B 299 -17.76 18.45 8.42
N HIS B 300 -18.66 17.48 8.43
CA HIS B 300 -18.79 16.57 9.55
C HIS B 300 -18.54 15.16 9.02
N ARG B 301 -17.29 14.85 8.68
CA ARG B 301 -16.91 13.54 8.13
C ARG B 301 -16.05 12.73 9.08
N VAL B 302 -16.29 11.42 9.12
CA VAL B 302 -15.49 10.52 9.95
C VAL B 302 -15.18 9.26 9.16
N ALA B 303 -13.89 8.96 8.98
CA ALA B 303 -13.49 7.77 8.24
C ALA B 303 -14.10 6.50 8.84
N ASP B 304 -14.60 5.63 7.96
CA ASP B 304 -15.21 4.37 8.41
C ASP B 304 -14.19 3.49 9.10
N SER B 305 -12.93 3.69 8.75
CA SER B 305 -11.84 2.91 9.33
C SER B 305 -10.66 3.84 9.51
N PHE B 306 -9.95 3.67 10.63
CA PHE B 306 -8.82 4.50 10.95
C PHE B 306 -7.49 3.92 10.50
N SER B 307 -7.52 2.73 9.92
CA SER B 307 -6.29 2.09 9.45
C SER B 307 -6.53 0.96 8.48
N ALA B 308 -5.49 0.60 7.75
CA ALA B 308 -5.52 -0.49 6.80
C ALA B 308 -4.11 -1.05 6.76
N GLY B 309 -3.89 -2.16 7.45
CA GLY B 309 -2.57 -2.76 7.45
C GLY B 309 -1.58 -1.97 8.29
N ARG B 310 -0.57 -1.42 7.62
CA ARG B 310 0.45 -0.65 8.31
C ARG B 310 0.28 0.83 8.06
N VAL B 311 -0.84 1.22 7.46
CA VAL B 311 -1.13 2.62 7.18
C VAL B 311 -2.32 3.09 8.03
N PHE B 312 -2.09 4.12 8.85
CA PHE B 312 -3.12 4.68 9.74
C PHE B 312 -3.56 6.09 9.34
N LEU B 313 -4.73 6.49 9.84
CA LEU B 313 -5.25 7.82 9.59
C LEU B 313 -5.39 8.60 10.91
N THR B 314 -5.04 9.88 10.91
CA THR B 314 -5.16 10.71 12.11
C THR B 314 -5.58 12.10 11.75
N GLY B 315 -6.02 12.87 12.75
CA GLY B 315 -6.46 14.23 12.50
C GLY B 315 -7.65 14.20 11.56
N ASP B 316 -7.73 15.20 10.70
CA ASP B 316 -8.81 15.33 9.72
C ASP B 316 -8.98 14.15 8.79
N ALA B 317 -7.86 13.55 8.40
CA ALA B 317 -7.88 12.38 7.52
C ALA B 317 -8.80 11.36 8.15
N ALA B 318 -8.77 11.33 9.48
CA ALA B 318 -9.57 10.41 10.26
C ALA B 318 -10.92 11.01 10.66
N HIS B 319 -10.90 12.22 11.23
CA HIS B 319 -12.13 12.86 11.66
C HIS B 319 -12.18 14.38 11.54
N THR B 320 -13.11 14.88 10.73
CA THR B 320 -13.25 16.31 10.57
C THR B 320 -14.52 16.75 11.30
N LEU B 321 -14.48 17.90 11.95
CA LEU B 321 -15.66 18.37 12.67
C LEU B 321 -15.77 19.87 12.57
N SER B 322 -16.90 20.37 13.01
CA SER B 322 -17.17 21.79 13.01
C SER B 322 -16.25 22.44 14.05
N PRO B 323 -15.61 23.54 13.68
CA PRO B 323 -14.71 24.23 14.61
C PRO B 323 -15.44 24.89 15.79
N SER B 324 -16.76 24.71 15.84
CA SER B 324 -17.60 25.26 16.89
C SER B 324 -17.25 24.68 18.25
N GLY B 325 -16.26 25.27 18.89
CA GLY B 325 -15.82 24.79 20.19
C GLY B 325 -14.33 24.49 20.14
N GLY B 326 -13.82 24.33 18.93
CA GLY B 326 -12.41 24.03 18.78
C GLY B 326 -12.07 22.58 19.15
N PHE B 327 -13.06 21.70 19.16
CA PHE B 327 -12.81 20.31 19.49
C PHE B 327 -12.03 19.65 18.36
N GLY B 328 -12.08 20.26 17.18
CA GLY B 328 -11.39 19.70 16.05
C GLY B 328 -9.95 19.29 16.33
N MET B 329 -9.10 20.28 16.57
CA MET B 329 -7.70 20.02 16.83
C MET B 329 -7.45 19.32 18.15
N ASN B 330 -8.36 19.49 19.10
CA ASN B 330 -8.19 18.84 20.39
C ASN B 330 -8.44 17.35 20.28
N THR B 331 -9.22 16.95 19.29
CA THR B 331 -9.52 15.56 19.07
C THR B 331 -8.40 14.91 18.27
N GLY B 332 -7.72 15.71 17.46
CA GLY B 332 -6.63 15.21 16.66
C GLY B 332 -5.39 15.01 17.50
N ILE B 333 -5.03 16.02 18.26
CA ILE B 333 -3.86 15.92 19.11
C ILE B 333 -4.09 14.78 20.07
N GLY B 334 -5.34 14.58 20.45
CA GLY B 334 -5.69 13.52 21.36
C GLY B 334 -5.45 12.18 20.70
N SER B 335 -5.89 12.05 19.45
CA SER B 335 -5.70 10.81 18.69
C SER B 335 -4.23 10.56 18.39
N ALA B 336 -3.45 11.64 18.28
CA ALA B 336 -2.03 11.51 18.03
C ALA B 336 -1.39 10.91 19.26
N ALA B 337 -1.77 11.42 20.43
CA ALA B 337 -1.18 10.90 21.64
C ALA B 337 -1.57 9.43 21.82
N ASP B 338 -2.74 9.06 21.31
CA ASP B 338 -3.23 7.70 21.44
C ASP B 338 -2.46 6.73 20.53
N LEU B 339 -2.37 7.08 19.24
CA LEU B 339 -1.69 6.23 18.28
C LEU B 339 -0.20 6.16 18.56
N GLY B 340 0.32 7.20 19.21
CA GLY B 340 1.73 7.25 19.51
C GLY B 340 2.23 6.20 20.47
N TRP B 341 1.62 6.10 21.65
CA TRP B 341 2.10 5.12 22.60
C TRP B 341 1.83 3.71 22.10
N LYS B 342 0.80 3.53 21.30
CA LYS B 342 0.51 2.20 20.79
C LYS B 342 1.49 1.75 19.73
N LEU B 343 1.99 2.69 18.94
CA LEU B 343 2.98 2.38 17.90
C LEU B 343 4.31 2.05 18.58
N ALA B 344 4.66 2.83 19.60
CA ALA B 344 5.90 2.61 20.33
C ALA B 344 5.87 1.25 20.99
N ALA B 345 4.73 0.93 21.60
CA ALA B 345 4.59 -0.35 22.27
C ALA B 345 4.69 -1.51 21.27
N THR B 346 4.20 -1.29 20.06
CA THR B 346 4.23 -2.34 19.06
C THR B 346 5.63 -2.51 18.45
N LEU B 347 6.39 -1.42 18.34
CA LEU B 347 7.75 -1.45 17.79
C LEU B 347 8.73 -1.94 18.82
N ARG B 348 8.42 -1.69 20.09
CA ARG B 348 9.28 -2.12 21.18
C ARG B 348 9.04 -3.60 21.41
N GLY B 349 7.93 -4.10 20.89
CA GLY B 349 7.63 -5.50 21.03
C GLY B 349 6.85 -5.98 22.24
N TRP B 350 6.49 -5.11 23.17
CA TRP B 350 5.74 -5.58 24.31
C TRP B 350 4.25 -5.50 24.08
N ALA B 351 3.83 -4.74 23.07
CA ALA B 351 2.41 -4.58 22.78
C ALA B 351 1.80 -5.88 22.29
N GLY B 352 0.50 -6.01 22.47
CA GLY B 352 -0.18 -7.19 21.99
C GLY B 352 -0.53 -6.94 20.53
N PRO B 353 -0.57 -7.97 19.69
CA PRO B 353 -0.89 -7.74 18.29
C PRO B 353 -2.21 -6.99 18.04
N GLY B 354 -3.10 -6.99 19.02
CA GLY B 354 -4.37 -6.30 18.82
C GLY B 354 -4.40 -4.87 19.34
N LEU B 355 -3.28 -4.42 19.88
CA LEU B 355 -3.22 -3.09 20.43
C LEU B 355 -3.52 -2.01 19.40
N LEU B 356 -2.79 -2.00 18.30
CA LEU B 356 -3.02 -0.98 17.28
C LEU B 356 -4.47 -0.88 16.84
N ALA B 357 -5.18 -2.00 16.92
CA ALA B 357 -6.58 -2.02 16.52
C ALA B 357 -7.42 -1.17 17.47
N THR B 358 -6.98 -1.10 18.73
CA THR B 358 -7.70 -0.33 19.74
C THR B 358 -7.66 1.17 19.47
N TYR B 359 -6.82 1.57 18.52
CA TYR B 359 -6.70 2.96 18.14
C TYR B 359 -8.07 3.41 17.65
N GLU B 360 -8.63 2.68 16.69
CA GLU B 360 -9.94 3.00 16.14
C GLU B 360 -11.04 2.70 17.17
N GLU B 361 -10.89 1.57 17.84
CA GLU B 361 -11.84 1.13 18.86
C GLU B 361 -12.06 2.24 19.88
N GLU B 362 -10.98 2.87 20.30
CA GLU B 362 -11.08 3.91 21.31
C GLU B 362 -11.36 5.32 20.82
N ARG B 363 -10.66 5.76 19.78
CA ARG B 363 -10.80 7.12 19.29
C ARG B 363 -11.98 7.40 18.39
N ARG B 364 -12.39 6.42 17.61
CA ARG B 364 -13.52 6.64 16.70
C ARG B 364 -14.74 7.13 17.48
N PRO B 365 -15.15 6.40 18.51
CA PRO B 365 -16.31 6.86 19.27
C PRO B 365 -16.06 8.29 19.75
N VAL B 366 -14.92 8.51 20.40
CA VAL B 366 -14.62 9.85 20.85
C VAL B 366 -14.77 10.88 19.72
N ALA B 367 -14.35 10.51 18.52
CA ALA B 367 -14.44 11.39 17.38
C ALA B 367 -15.90 11.76 17.14
N ILE B 368 -16.75 10.74 17.02
CA ILE B 368 -18.17 10.96 16.76
C ILE B 368 -18.85 11.82 17.83
N THR B 369 -18.58 11.53 19.09
CA THR B 369 -19.14 12.29 20.20
C THR B 369 -18.75 13.75 20.06
N SER B 370 -17.45 14.01 19.88
CA SER B 370 -16.94 15.37 19.70
C SER B 370 -17.64 16.07 18.53
N LEU B 371 -17.74 15.35 17.42
CA LEU B 371 -18.39 15.89 16.23
C LEU B 371 -19.82 16.36 16.54
N GLU B 372 -20.58 15.54 17.26
CA GLU B 372 -21.96 15.88 17.61
C GLU B 372 -22.08 17.09 18.52
N GLU B 373 -21.22 17.20 19.53
CA GLU B 373 -21.25 18.33 20.43
C GLU B 373 -20.88 19.63 19.68
N ALA B 374 -20.10 19.49 18.62
CA ALA B 374 -19.72 20.64 17.82
C ALA B 374 -20.87 21.09 16.94
N ASN B 375 -21.62 20.13 16.42
CA ASN B 375 -22.75 20.48 15.58
C ASN B 375 -23.79 21.23 16.43
N VAL B 376 -23.86 20.92 17.72
CA VAL B 376 -24.84 21.61 18.56
C VAL B 376 -24.47 23.08 18.70
N ASN B 377 -23.21 23.37 18.97
CA ASN B 377 -22.80 24.75 19.11
C ASN B 377 -23.10 25.45 17.81
N LEU B 378 -22.91 24.74 16.71
CA LEU B 378 -23.17 25.29 15.39
C LEU B 378 -24.67 25.51 15.17
N ARG B 379 -25.47 24.51 15.51
CA ARG B 379 -26.91 24.65 15.33
C ARG B 379 -27.43 25.76 16.21
N ARG B 380 -26.83 25.95 17.39
CA ARG B 380 -27.28 27.02 18.26
C ARG B 380 -27.19 28.36 17.55
N THR B 381 -26.13 28.57 16.77
CA THR B 381 -25.96 29.83 16.06
C THR B 381 -26.79 29.90 14.79
N MET B 382 -26.82 28.81 14.03
CA MET B 382 -27.61 28.81 12.81
C MET B 382 -29.09 28.95 13.14
N ASP B 383 -29.55 28.23 14.16
CA ASP B 383 -30.97 28.26 14.55
C ASP B 383 -31.40 29.57 15.21
N ARG B 384 -30.49 30.26 15.88
CA ARG B 384 -30.81 31.52 16.55
C ARG B 384 -31.49 32.51 15.59
N GLU B 385 -32.53 33.18 16.07
CA GLU B 385 -33.28 34.13 15.26
C GLU B 385 -32.77 35.55 15.45
N LEU B 386 -32.58 36.26 14.35
CA LEU B 386 -32.12 37.64 14.40
C LEU B 386 -33.30 38.58 14.22
N PRO B 387 -33.96 38.95 15.32
CA PRO B 387 -35.12 39.85 15.28
C PRO B 387 -34.79 41.19 14.66
N PRO B 388 -35.79 41.87 14.08
CA PRO B 388 -35.54 43.18 13.49
C PRO B 388 -35.60 44.21 14.60
N GLY B 389 -34.67 45.15 14.60
CA GLY B 389 -34.68 46.16 15.63
C GLY B 389 -33.61 45.97 16.68
N LEU B 390 -32.54 45.25 16.37
CA LEU B 390 -31.46 45.07 17.32
C LEU B 390 -30.55 46.30 17.17
N HIS B 391 -30.26 46.64 15.91
CA HIS B 391 -29.40 47.77 15.57
C HIS B 391 -30.04 49.09 16.00
N ASP B 392 -31.31 49.04 16.39
CA ASP B 392 -32.01 50.24 16.82
C ASP B 392 -31.23 50.85 17.97
N ASP B 393 -30.87 52.12 17.84
CA ASP B 393 -30.14 52.81 18.88
C ASP B 393 -31.10 53.32 19.95
N GLY B 394 -32.39 53.31 19.61
CA GLY B 394 -33.39 53.76 20.56
C GLY B 394 -33.58 52.82 21.74
N PRO B 395 -34.47 53.16 22.68
CA PRO B 395 -34.74 52.34 23.87
C PRO B 395 -35.49 51.06 23.53
N ARG B 396 -36.15 51.05 22.38
CA ARG B 396 -36.90 49.88 21.92
C ARG B 396 -35.89 48.75 21.76
N GLY B 397 -34.77 49.07 21.09
CA GLY B 397 -33.73 48.09 20.89
C GLY B 397 -33.23 47.59 22.22
N GLU B 398 -32.86 48.52 23.12
CA GLU B 398 -32.36 48.17 24.44
C GLU B 398 -33.16 47.04 25.06
N ARG B 399 -34.46 46.98 24.77
CA ARG B 399 -35.32 45.93 25.30
C ARG B 399 -35.30 44.72 24.37
N ILE B 400 -35.34 44.97 23.07
CA ILE B 400 -35.31 43.89 22.09
C ILE B 400 -34.04 43.07 22.28
N ARG B 401 -32.97 43.73 22.67
CA ARG B 401 -31.69 43.07 22.88
C ARG B 401 -31.62 42.42 24.25
N ALA B 402 -32.17 43.09 25.25
CA ALA B 402 -32.15 42.54 26.59
C ALA B 402 -32.91 41.21 26.53
N ALA B 403 -33.80 41.11 25.55
CA ALA B 403 -34.63 39.94 25.34
C ALA B 403 -33.85 38.77 24.73
N VAL B 404 -33.28 39.00 23.55
CA VAL B 404 -32.51 37.98 22.86
C VAL B 404 -31.35 37.51 23.74
N ALA B 405 -30.93 38.36 24.66
CA ALA B 405 -29.84 38.02 25.57
C ALA B 405 -30.30 36.94 26.54
N GLU B 406 -31.55 37.02 26.97
CA GLU B 406 -32.08 36.03 27.88
C GLU B 406 -32.12 34.73 27.08
N LYS B 407 -32.71 34.78 25.88
CA LYS B 407 -32.79 33.60 25.02
C LYS B 407 -31.43 32.97 24.81
N LEU B 408 -30.38 33.80 24.77
CA LEU B 408 -29.01 33.31 24.57
C LEU B 408 -28.52 32.48 25.74
N GLU B 409 -28.48 33.11 26.91
CA GLU B 409 -28.03 32.41 28.10
C GLU B 409 -28.81 31.12 28.27
N ARG B 410 -30.08 31.14 27.85
CA ARG B 410 -30.94 29.97 27.94
C ARG B 410 -30.54 28.91 26.91
N SER B 411 -30.04 29.36 25.75
CA SER B 411 -29.65 28.40 24.73
C SER B 411 -28.33 27.71 25.00
N GLY B 412 -27.76 27.89 26.18
CA GLY B 412 -26.49 27.26 26.50
C GLY B 412 -25.34 27.79 25.66
N ALA B 413 -25.43 29.06 25.27
CA ALA B 413 -24.41 29.69 24.47
C ALA B 413 -23.01 29.60 25.08
N ARG B 414 -22.96 29.63 26.41
CA ARG B 414 -21.70 29.58 27.15
C ARG B 414 -21.01 28.25 27.01
N ARG B 415 -21.78 27.21 26.74
CA ARG B 415 -21.22 25.88 26.60
C ARG B 415 -20.19 25.77 25.48
N GLU B 416 -20.19 26.74 24.56
CA GLU B 416 -19.24 26.74 23.47
C GLU B 416 -17.86 27.24 23.90
N PHE B 417 -17.76 27.69 25.15
CA PHE B 417 -16.50 28.21 25.65
C PHE B 417 -16.13 27.59 26.98
N ASP B 418 -17.12 26.99 27.63
CA ASP B 418 -16.94 26.35 28.92
C ASP B 418 -17.40 24.89 28.79
N ALA B 419 -16.52 24.06 28.24
CA ALA B 419 -16.82 22.63 28.00
C ALA B 419 -15.80 21.63 28.55
N PRO B 420 -15.69 21.49 29.88
CA PRO B 420 -14.73 20.54 30.45
C PRO B 420 -15.10 19.09 30.14
N GLY B 421 -16.38 18.78 30.17
CA GLY B 421 -16.80 17.42 29.89
C GLY B 421 -16.31 17.01 28.52
N ILE B 422 -16.46 17.89 27.54
CA ILE B 422 -16.01 17.58 26.19
C ILE B 422 -14.49 17.45 26.11
N HIS B 423 -13.78 18.22 26.94
CA HIS B 423 -12.32 18.20 26.99
C HIS B 423 -11.73 17.05 27.80
N PHE B 424 -12.17 16.91 29.05
CA PHE B 424 -11.65 15.88 29.94
C PHE B 424 -12.54 14.66 30.17
N GLY B 425 -13.80 14.75 29.79
CA GLY B 425 -14.75 13.67 30.04
C GLY B 425 -14.77 12.37 29.28
N HIS B 426 -14.15 12.31 28.11
CA HIS B 426 -14.13 11.10 27.31
C HIS B 426 -13.68 9.90 28.11
N THR B 427 -14.56 8.90 28.23
CA THR B 427 -14.22 7.65 28.90
C THR B 427 -14.12 6.53 27.85
N TYR B 428 -13.04 5.75 27.88
CA TYR B 428 -12.91 4.68 26.92
C TYR B 428 -13.63 3.44 27.43
N ARG B 429 -14.25 2.73 26.49
CA ARG B 429 -15.00 1.50 26.78
C ARG B 429 -14.48 0.56 25.69
N SER B 430 -13.37 -0.12 25.95
CA SER B 430 -12.80 -0.98 24.93
C SER B 430 -12.22 -2.26 25.49
N SER B 431 -11.71 -3.09 24.60
CA SER B 431 -11.11 -4.38 24.94
C SER B 431 -9.84 -4.35 25.79
N ILE B 432 -9.25 -3.18 26.04
CA ILE B 432 -8.04 -3.14 26.87
C ILE B 432 -8.22 -2.37 28.16
N VAL B 433 -9.49 -2.11 28.50
CA VAL B 433 -9.84 -1.39 29.72
C VAL B 433 -10.72 -2.29 30.58
N CYS B 434 -10.44 -2.33 31.87
CA CYS B 434 -11.25 -3.15 32.76
C CYS B 434 -12.40 -2.29 33.28
N GLY B 435 -13.41 -2.13 32.42
CA GLY B 435 -14.58 -1.32 32.76
C GLY B 435 -15.38 -1.61 34.02
N GLU B 436 -15.98 -0.55 34.55
CA GLU B 436 -16.81 -0.60 35.75
C GLU B 436 -18.29 -0.57 35.40
N PRO B 437 -19.14 -1.02 36.33
CA PRO B 437 -20.59 -1.05 36.13
C PRO B 437 -21.16 0.34 35.83
N TRP B 446 -20.39 17.24 34.89
CA TRP B 446 -19.11 16.56 34.82
C TRP B 446 -18.16 16.88 35.98
N ARG B 447 -17.61 15.83 36.59
CA ARG B 447 -16.68 15.99 37.70
C ARG B 447 -15.51 15.02 37.53
N PRO B 448 -14.31 15.39 38.02
CA PRO B 448 -13.11 14.55 37.91
C PRO B 448 -13.36 13.13 38.42
N SER B 449 -13.02 12.16 37.58
CA SER B 449 -13.18 10.75 37.90
C SER B 449 -11.96 9.93 37.53
N ALA B 450 -11.65 8.94 38.36
CA ALA B 450 -10.51 8.06 38.10
C ALA B 450 -11.03 6.70 37.65
N ARG B 451 -12.23 6.67 37.07
CA ARG B 451 -12.80 5.40 36.62
C ARG B 451 -12.03 4.86 35.41
N PRO B 452 -12.10 3.56 35.18
CA PRO B 452 -11.38 3.02 34.03
C PRO B 452 -11.87 3.60 32.70
N GLY B 453 -10.92 3.84 31.78
CA GLY B 453 -11.25 4.40 30.49
C GLY B 453 -11.19 5.91 30.49
N ALA B 454 -11.22 6.50 31.67
CA ALA B 454 -11.16 7.96 31.78
C ALA B 454 -9.74 8.44 32.05
N ARG B 455 -9.60 9.74 31.93
CA ARG B 455 -8.34 10.40 32.14
C ARG B 455 -8.08 10.56 33.61
N ALA B 456 -6.98 9.96 34.09
CA ALA B 456 -6.61 10.08 35.50
C ALA B 456 -6.66 11.58 35.77
N PRO B 457 -7.46 11.99 36.75
CA PRO B 457 -7.64 13.39 37.14
C PRO B 457 -6.44 14.09 37.74
N HIS B 458 -6.38 15.40 37.53
CA HIS B 458 -5.30 16.21 38.02
C HIS B 458 -5.41 16.47 39.51
N ALA B 459 -4.26 16.73 40.12
CA ALA B 459 -4.14 17.04 41.53
C ALA B 459 -2.67 17.34 41.70
N TRP B 460 -2.32 18.24 42.61
CA TRP B 460 -0.92 18.58 42.81
C TRP B 460 -0.20 17.65 43.77
N LEU B 461 0.99 17.21 43.38
CA LEU B 461 1.78 16.37 44.27
C LEU B 461 2.70 17.33 45.02
N THR B 462 2.94 18.47 44.37
CA THR B 462 3.74 19.58 44.89
C THR B 462 3.16 20.76 44.10
N PRO B 463 3.27 21.98 44.62
CA PRO B 463 2.72 23.11 43.88
C PRO B 463 3.14 23.14 42.43
N THR B 464 4.21 22.41 42.12
CA THR B 464 4.75 22.41 40.77
C THR B 464 4.64 21.07 40.04
N THR B 465 4.19 20.05 40.74
CA THR B 465 4.05 18.75 40.12
C THR B 465 2.65 18.20 40.26
N SER B 466 2.10 17.78 39.12
CA SER B 466 0.76 17.25 39.09
C SER B 466 0.78 15.77 38.84
N THR B 467 -0.24 15.08 39.35
CA THR B 467 -0.38 13.64 39.16
C THR B 467 -0.18 13.35 37.67
N LEU B 468 -0.74 14.22 36.83
CA LEU B 468 -0.61 14.08 35.39
C LEU B 468 0.87 14.02 35.01
N ASP B 469 1.71 14.65 35.81
CA ASP B 469 3.14 14.67 35.56
C ASP B 469 3.82 13.31 35.69
N LEU B 470 3.11 12.32 36.23
CA LEU B 470 3.68 10.99 36.37
C LEU B 470 3.42 10.13 35.13
N PHE B 471 2.43 10.54 34.35
CA PHE B 471 1.98 9.83 33.18
C PHE B 471 2.60 10.27 31.89
N GLY B 472 2.59 9.38 30.90
CA GLY B 472 3.18 9.72 29.61
C GLY B 472 4.28 8.79 29.14
N ARG B 473 4.88 8.03 30.04
CA ARG B 473 5.96 7.10 29.65
C ARG B 473 5.43 5.69 29.50
N GLY B 474 5.57 4.89 30.54
CA GLY B 474 5.07 3.52 30.50
C GLY B 474 3.77 3.46 31.27
N PHE B 475 3.51 2.32 31.90
CA PHE B 475 2.31 2.17 32.72
C PHE B 475 2.65 2.63 34.14
N VAL B 476 1.67 3.24 34.82
CA VAL B 476 1.91 3.70 36.19
C VAL B 476 0.89 3.16 37.18
N LEU B 477 1.37 2.54 38.24
CA LEU B 477 0.46 2.04 39.23
C LEU B 477 0.53 2.96 40.42
N LEU B 478 -0.58 3.61 40.73
CA LEU B 478 -0.66 4.51 41.87
C LEU B 478 -1.24 3.73 43.05
N SER B 479 -0.65 3.89 44.22
CA SER B 479 -1.16 3.20 45.38
C SER B 479 -1.36 4.20 46.50
N PHE B 480 -2.55 4.19 47.09
CA PHE B 480 -2.89 5.11 48.16
C PHE B 480 -2.95 4.40 49.51
N GLY B 481 -1.85 4.51 50.25
CA GLY B 481 -1.75 3.86 51.55
C GLY B 481 -0.92 2.59 51.49
N THR B 482 -1.60 1.45 51.44
CA THR B 482 -0.91 0.17 51.41
C THR B 482 -0.12 -0.07 50.12
N THR B 483 1.10 -0.56 50.28
CA THR B 483 1.95 -0.88 49.13
C THR B 483 1.88 -2.41 48.97
N ASP B 484 0.78 -2.98 49.46
CA ASP B 484 0.60 -4.42 49.39
C ASP B 484 0.44 -4.98 47.99
N GLY B 485 1.05 -6.13 47.77
CA GLY B 485 0.97 -6.80 46.48
C GLY B 485 1.57 -6.04 45.34
N VAL B 486 2.25 -4.93 45.63
CA VAL B 486 2.85 -4.14 44.55
C VAL B 486 4.09 -4.80 43.92
N GLU B 487 4.81 -5.59 44.70
CA GLU B 487 5.98 -6.24 44.13
C GLU B 487 5.53 -7.29 43.12
N ALA B 488 4.46 -7.99 43.44
CA ALA B 488 3.92 -9.02 42.56
C ALA B 488 3.61 -8.39 41.21
N VAL B 489 2.91 -7.26 41.26
CA VAL B 489 2.55 -6.51 40.07
C VAL B 489 3.81 -6.15 39.29
N THR B 490 4.82 -5.64 40.00
CA THR B 490 6.06 -5.25 39.36
C THR B 490 6.61 -6.45 38.59
N ARG B 491 6.80 -7.57 39.27
CA ARG B 491 7.31 -8.77 38.62
C ARG B 491 6.43 -9.16 37.41
N ALA B 492 5.12 -9.09 37.56
CA ALA B 492 4.22 -9.43 36.48
C ALA B 492 4.52 -8.59 35.22
N PHE B 493 4.59 -7.26 35.37
CA PHE B 493 4.90 -6.43 34.21
C PHE B 493 6.29 -6.74 33.69
N ALA B 494 7.26 -6.87 34.61
CA ALA B 494 8.64 -7.16 34.26
C ALA B 494 8.74 -8.41 33.38
N ASP B 495 8.20 -9.50 33.88
CA ASP B 495 8.24 -10.76 33.14
C ASP B 495 7.78 -10.60 31.69
N ARG B 496 6.85 -9.67 31.46
CA ARG B 496 6.35 -9.47 30.10
C ARG B 496 7.02 -8.32 29.37
N HIS B 497 7.98 -7.67 30.01
CA HIS B 497 8.68 -6.56 29.37
C HIS B 497 7.80 -5.33 29.07
N VAL B 498 6.85 -5.04 29.95
CA VAL B 498 6.00 -3.89 29.77
C VAL B 498 6.50 -2.87 30.79
N PRO B 499 6.88 -1.67 30.35
CA PRO B 499 7.38 -0.69 31.32
C PRO B 499 6.32 -0.28 32.35
N LEU B 500 6.74 -0.18 33.61
CA LEU B 500 5.85 0.20 34.70
C LEU B 500 6.55 0.90 35.84
N GLU B 501 5.95 1.99 36.33
CA GLU B 501 6.51 2.69 37.46
C GLU B 501 5.43 2.67 38.54
N THR B 502 5.85 2.56 39.80
CA THR B 502 4.91 2.55 40.90
C THR B 502 5.16 3.74 41.84
N VAL B 503 4.09 4.48 42.12
CA VAL B 503 4.18 5.64 42.99
C VAL B 503 3.23 5.44 44.15
N THR B 504 3.77 5.55 45.36
CA THR B 504 3.00 5.39 46.57
C THR B 504 2.64 6.79 47.02
N CYS B 505 1.35 7.10 46.95
CA CYS B 505 0.89 8.42 47.34
C CYS B 505 0.34 8.42 48.76
N HIS B 506 0.74 9.41 49.55
CA HIS B 506 0.27 9.50 50.93
C HIS B 506 -0.65 10.68 51.21
N ALA B 507 -1.38 11.13 50.21
CA ALA B 507 -2.28 12.27 50.37
C ALA B 507 -3.76 11.88 50.26
N PRO B 508 -4.49 11.95 51.38
CA PRO B 508 -5.92 11.61 51.45
C PRO B 508 -6.84 12.30 50.45
N GLU B 509 -6.62 13.58 50.20
CA GLU B 509 -7.48 14.30 49.26
C GLU B 509 -7.37 13.67 47.87
N ILE B 510 -6.16 13.31 47.48
CA ILE B 510 -5.91 12.68 46.19
C ILE B 510 -6.51 11.27 46.24
N HIS B 511 -6.38 10.63 47.39
CA HIS B 511 -6.93 9.29 47.59
C HIS B 511 -8.44 9.40 47.35
N ALA B 512 -9.06 10.38 47.98
CA ALA B 512 -10.50 10.58 47.83
C ALA B 512 -10.90 10.70 46.35
N LEU B 513 -10.10 11.47 45.62
CA LEU B 513 -10.32 11.71 44.20
C LEU B 513 -10.25 10.41 43.41
N TYR B 514 -9.18 9.66 43.61
CA TYR B 514 -8.99 8.40 42.90
C TYR B 514 -9.90 7.26 43.38
N GLU B 515 -10.42 7.39 44.59
CA GLU B 515 -11.35 6.43 45.19
C GLU B 515 -10.94 4.95 45.31
N ARG B 516 -9.66 4.61 45.15
CA ARG B 516 -9.24 3.22 45.29
C ARG B 516 -7.78 3.16 45.71
N ALA B 517 -7.39 2.01 46.26
CA ALA B 517 -6.03 1.87 46.71
C ALA B 517 -5.06 1.62 45.57
N HIS B 518 -5.56 1.17 44.43
CA HIS B 518 -4.69 0.93 43.28
C HIS B 518 -5.36 1.36 42.00
N VAL B 519 -4.62 2.11 41.19
CA VAL B 519 -5.13 2.59 39.92
C VAL B 519 -4.00 2.41 38.91
N LEU B 520 -4.30 1.67 37.85
CA LEU B 520 -3.32 1.41 36.80
C LEU B 520 -3.56 2.39 35.67
N VAL B 521 -2.60 3.27 35.48
CA VAL B 521 -2.70 4.27 34.44
C VAL B 521 -1.87 3.87 33.25
N ARG B 522 -2.45 3.98 32.06
CA ARG B 522 -1.81 3.65 30.79
C ARG B 522 -0.82 4.74 30.37
N PRO B 523 0.00 4.46 29.35
CA PRO B 523 0.98 5.40 28.83
C PRO B 523 0.37 6.72 28.35
N ASP B 524 -0.94 6.74 28.13
CA ASP B 524 -1.62 7.92 27.62
C ASP B 524 -2.32 8.74 28.71
N GLY B 525 -2.14 8.34 29.98
CA GLY B 525 -2.75 9.06 31.07
C GLY B 525 -4.16 8.62 31.43
N HIS B 526 -4.70 7.66 30.71
CA HIS B 526 -6.05 7.16 30.99
C HIS B 526 -5.96 5.98 31.95
N VAL B 527 -7.07 5.66 32.63
CA VAL B 527 -7.09 4.55 33.57
C VAL B 527 -7.48 3.22 32.92
N ALA B 528 -6.65 2.19 33.11
CA ALA B 528 -6.98 0.89 32.53
C ALA B 528 -7.73 0.03 33.54
N TRP B 529 -7.27 0.06 34.79
CA TRP B 529 -7.87 -0.74 35.85
C TRP B 529 -7.73 -0.02 37.19
N ARG B 530 -8.56 -0.40 38.15
CA ARG B 530 -8.46 0.19 39.49
C ARG B 530 -9.24 -0.66 40.47
N GLY B 531 -8.74 -0.72 41.70
CA GLY B 531 -9.42 -1.50 42.71
C GLY B 531 -8.71 -1.52 44.04
N ASP B 532 -9.45 -1.85 45.11
CA ASP B 532 -8.85 -1.90 46.43
C ASP B 532 -7.93 -3.11 46.62
N HIS B 533 -8.09 -4.13 45.79
CA HIS B 533 -7.23 -5.30 45.88
C HIS B 533 -6.71 -5.72 44.52
N LEU B 534 -5.41 -5.87 44.41
CA LEU B 534 -4.82 -6.30 43.14
C LEU B 534 -5.39 -7.68 42.87
N PRO B 535 -5.74 -7.97 41.61
CA PRO B 535 -6.30 -9.28 41.27
C PRO B 535 -5.27 -10.39 41.42
N ALA B 536 -5.75 -11.63 41.50
CA ALA B 536 -4.84 -12.77 41.65
C ALA B 536 -4.18 -13.11 40.33
N GLU B 537 -4.88 -12.85 39.23
CA GLU B 537 -4.36 -13.16 37.90
C GLU B 537 -3.66 -11.97 37.21
N LEU B 538 -2.55 -11.52 37.79
CA LEU B 538 -1.78 -10.39 37.26
C LEU B 538 -1.37 -10.53 35.80
N GLY B 539 -0.88 -11.72 35.43
CA GLY B 539 -0.48 -11.95 34.06
C GLY B 539 -1.63 -11.66 33.13
N GLY B 540 -2.81 -12.16 33.49
CA GLY B 540 -4.00 -11.94 32.69
C GLY B 540 -4.33 -10.47 32.61
N LEU B 541 -3.99 -9.73 33.66
CA LEU B 541 -4.23 -8.30 33.69
C LEU B 541 -3.27 -7.60 32.73
N VAL B 542 -1.97 -7.89 32.85
CA VAL B 542 -0.99 -7.27 31.97
C VAL B 542 -1.34 -7.53 30.52
N ASP B 543 -1.61 -8.78 30.18
CA ASP B 543 -1.95 -9.12 28.80
C ASP B 543 -3.14 -8.32 28.33
N LYS B 544 -4.11 -8.17 29.22
CA LYS B 544 -5.33 -7.45 28.91
C LYS B 544 -5.08 -6.01 28.48
N VAL B 545 -4.39 -5.23 29.31
CA VAL B 545 -4.13 -3.82 29.02
C VAL B 545 -3.06 -3.50 27.99
N ARG B 546 -2.26 -4.50 27.62
CA ARG B 546 -1.22 -4.33 26.59
C ARG B 546 -1.74 -4.73 25.21
N GLY B 547 -3.02 -5.08 25.14
CA GLY B 547 -3.60 -5.47 23.87
C GLY B 547 -3.52 -6.94 23.55
N ALA B 548 -2.61 -7.65 24.21
CA ALA B 548 -2.45 -9.08 23.98
C ALA B 548 -3.65 -9.80 24.56
N ALA B 549 -4.66 -9.03 24.93
CA ALA B 549 -5.90 -9.54 25.51
C ALA B 549 -6.33 -10.88 24.92
#